data_4FKZ
#
_entry.id   4FKZ
#
_cell.length_a   91.289
_cell.length_b   209.338
_cell.length_c   46.810
_cell.angle_alpha   90.00
_cell.angle_beta   90.00
_cell.angle_gamma   90.00
#
_symmetry.space_group_name_H-M   'P 21 21 2'
#
loop_
_entity.id
_entity.type
_entity.pdbx_description
1 polymer 'UDP-N-acetylglucosamine 2-epimerase'
2 non-polymer URIDINE-DIPHOSPHATE-N-ACETYLGLUCOSAMINE
3 non-polymer "URIDINE-5'-DIPHOSPHATE"
4 water water
#
_entity_poly.entity_id   1
_entity_poly.type   'polypeptide(L)'
_entity_poly.pdbx_seq_one_letter_code
;MKKLKVMTVFGTRPEAIKMAPLVLELKKYPEIDSYVTVTAQHRQMLDQVLDAFHIKPDFDLNIMKERQTLAEITSNALVR
LDELFKDIKPDIVLVHGDTTTTFAGSLAAFYHQIAVGHVEAGLRTGNKYSPFPEELNRQMTGAIADLHFAPTGQAKDNLL
KENKKADSIFVTGNTAIDALNTTVRDGYSHPVLDQVGEDKMILLTAHRRENLGEPMENMFKAIRRIVGEFEDVQVVYPVH
LNPVVREAAHKHFGDSDRVHLIEPLEVIDFHNFAAKSHFILTDSGGVQEEAPSLGKPVLVLRDTTERPEGVEAGTLKLAG
TDEENIYQLAKQLLTDPDEYKKMSQASNPYGDGEASRRIVEELLFHYGYRKEQPDSFTGKLEHHHHHH
;
_entity_poly.pdbx_strand_id   A,B
#
# COMPACT_ATOMS: atom_id res chain seq x y z
N LYS A 2 -18.96 24.40 -12.75
CA LYS A 2 -19.39 22.99 -13.01
C LYS A 2 -19.42 22.17 -11.72
N LYS A 3 -20.22 21.10 -11.74
CA LYS A 3 -20.40 20.26 -10.55
C LYS A 3 -19.18 19.41 -10.26
N LEU A 4 -18.89 19.24 -8.97
CA LEU A 4 -17.82 18.34 -8.53
C LEU A 4 -18.32 16.89 -8.63
N LYS A 5 -17.57 16.05 -9.34
CA LYS A 5 -17.97 14.66 -9.53
C LYS A 5 -17.33 13.80 -8.45
N VAL A 6 -18.14 13.29 -7.52
CA VAL A 6 -17.64 12.53 -6.36
C VAL A 6 -18.17 11.12 -6.46
N MET A 7 -17.28 10.11 -6.34
CA MET A 7 -17.72 8.72 -6.33
C MET A 7 -17.34 8.04 -5.03
N THR A 8 -18.32 7.44 -4.36
CA THR A 8 -18.03 6.61 -3.18
C THR A 8 -17.81 5.18 -3.64
N VAL A 9 -16.85 4.50 -3.03
CA VAL A 9 -16.54 3.12 -3.37
C VAL A 9 -16.47 2.30 -2.09
N PHE A 10 -17.30 1.27 -1.99
CA PHE A 10 -17.31 0.39 -0.81
C PHE A 10 -17.92 -0.96 -1.15
N GLY A 11 -17.80 -1.95 -0.26
CA GLY A 11 -18.36 -3.25 -0.62
C GLY A 11 -18.82 -4.20 0.45
N THR A 12 -18.72 -3.79 1.73
CA THR A 12 -19.05 -4.67 2.85
C THR A 12 -20.08 -4.03 3.78
N ARG A 13 -20.65 -4.83 4.66
CA ARG A 13 -21.59 -4.30 5.67
C ARG A 13 -21.08 -3.08 6.44
N PRO A 14 -19.89 -3.17 7.08
CA PRO A 14 -19.48 -2.03 7.91
C PRO A 14 -19.23 -0.76 7.10
N GLU A 15 -18.65 -0.91 5.91
CA GLU A 15 -18.42 0.25 5.05
C GLU A 15 -19.75 0.86 4.64
N ALA A 16 -20.72 0.01 4.29
CA ALA A 16 -22.01 0.50 3.83
C ALA A 16 -22.72 1.28 4.95
N ILE A 17 -22.66 0.78 6.18
CA ILE A 17 -23.30 1.47 7.31
C ILE A 17 -22.66 2.84 7.53
N LYS A 18 -21.33 2.89 7.49
CA LYS A 18 -20.61 4.13 7.73
C LYS A 18 -20.63 5.07 6.52
N MET A 19 -20.80 4.53 5.32
CA MET A 19 -20.83 5.37 4.12
C MET A 19 -22.24 5.85 3.77
N ALA A 20 -23.26 5.12 4.20
CA ALA A 20 -24.66 5.50 3.91
C ALA A 20 -25.01 6.96 4.28
N PRO A 21 -24.65 7.42 5.50
CA PRO A 21 -24.92 8.82 5.87
C PRO A 21 -24.19 9.82 4.96
N LEU A 22 -23.01 9.44 4.48
CA LEU A 22 -22.21 10.30 3.61
C LEU A 22 -22.81 10.31 2.19
N VAL A 23 -23.23 9.15 1.71
CA VAL A 23 -23.94 9.03 0.42
C VAL A 23 -25.15 9.98 0.41
N LEU A 24 -25.93 9.90 1.49
CA LEU A 24 -27.15 10.70 1.60
C LEU A 24 -26.82 12.18 1.74
N GLU A 25 -25.78 12.51 2.51
CA GLU A 25 -25.36 13.91 2.68
C GLU A 25 -24.91 14.51 1.35
N LEU A 26 -24.14 13.75 0.58
CA LEU A 26 -23.65 14.25 -0.70
C LEU A 26 -24.78 14.66 -1.65
N LYS A 27 -25.88 13.90 -1.61
CA LYS A 27 -27.03 14.14 -2.52
C LYS A 27 -27.74 15.47 -2.25
N LYS A 28 -27.43 16.07 -1.10
CA LYS A 28 -28.07 17.33 -0.68
C LYS A 28 -27.53 18.57 -1.39
N TYR A 29 -26.34 18.48 -1.98
CA TYR A 29 -25.62 19.67 -2.44
C TYR A 29 -25.68 19.77 -3.97
N PRO A 30 -26.33 20.83 -4.51
CA PRO A 30 -26.40 20.95 -5.98
C PRO A 30 -25.05 21.15 -6.66
N GLU A 31 -24.03 21.50 -5.87
CA GLU A 31 -22.67 21.68 -6.32
C GLU A 31 -22.01 20.34 -6.67
N ILE A 32 -22.60 19.24 -6.19
CA ILE A 32 -22.00 17.90 -6.32
C ILE A 32 -22.83 16.97 -7.20
N ASP A 33 -22.15 16.34 -8.16
CA ASP A 33 -22.70 15.23 -8.90
C ASP A 33 -22.11 13.93 -8.32
N SER A 34 -22.89 13.24 -7.50
CA SER A 34 -22.34 12.08 -6.78
C SER A 34 -22.78 10.72 -7.34
N TYR A 35 -21.83 9.77 -7.31
CA TYR A 35 -22.00 8.41 -7.83
C TYR A 35 -21.72 7.43 -6.71
N VAL A 36 -22.44 6.31 -6.73
CA VAL A 36 -22.28 5.22 -5.75
C VAL A 36 -21.86 3.93 -6.44
N THR A 37 -20.70 3.43 -6.05
CA THR A 37 -20.12 2.22 -6.63
C THR A 37 -19.91 1.19 -5.53
N VAL A 38 -20.51 0.02 -5.67
CA VAL A 38 -20.23 -1.05 -4.73
C VAL A 38 -19.48 -2.19 -5.39
N THR A 39 -18.49 -2.74 -4.69
CA THR A 39 -17.79 -3.92 -5.23
C THR A 39 -18.59 -5.18 -4.98
N ALA A 40 -19.49 -5.10 -3.99
CA ALA A 40 -20.17 -6.28 -3.44
C ALA A 40 -19.18 -7.41 -3.10
N GLN A 41 -18.09 -7.03 -2.43
CA GLN A 41 -17.27 -7.98 -1.67
C GLN A 41 -18.14 -8.81 -0.73
N HIS A 42 -19.14 -8.15 -0.13
CA HIS A 42 -20.27 -8.82 0.52
C HIS A 42 -21.43 -8.71 -0.43
N ARG A 43 -22.25 -9.75 -0.51
CA ARG A 43 -23.47 -9.70 -1.30
C ARG A 43 -24.67 -9.47 -0.37
N GLN A 44 -25.10 -10.51 0.34
CA GLN A 44 -26.31 -10.41 1.16
C GLN A 44 -26.18 -9.35 2.26
N MET A 45 -25.03 -9.33 2.94
CA MET A 45 -24.82 -8.42 4.06
C MET A 45 -24.69 -6.97 3.62
N LEU A 46 -24.22 -6.75 2.39
CA LEU A 46 -24.21 -5.41 1.80
C LEU A 46 -25.64 -4.99 1.44
N ASP A 47 -26.34 -5.88 0.74
CA ASP A 47 -27.70 -5.58 0.29
C ASP A 47 -28.63 -5.24 1.45
N GLN A 48 -28.40 -5.86 2.61
CA GLN A 48 -29.19 -5.55 3.80
C GLN A 48 -29.06 -4.08 4.17
N VAL A 49 -27.85 -3.54 4.03
CA VAL A 49 -27.61 -2.17 4.42
C VAL A 49 -28.19 -1.23 3.36
N LEU A 50 -27.89 -1.50 2.09
CA LEU A 50 -28.37 -0.65 1.01
C LEU A 50 -29.89 -0.57 1.04
N ASP A 51 -30.56 -1.70 1.27
CA ASP A 51 -32.02 -1.70 1.29
C ASP A 51 -32.57 -0.88 2.45
N ALA A 52 -31.91 -0.98 3.62
CA ALA A 52 -32.29 -0.21 4.82
C ALA A 52 -32.19 1.30 4.63
N PHE A 53 -31.13 1.75 3.97
CA PHE A 53 -30.94 3.18 3.73
C PHE A 53 -31.55 3.65 2.40
N HIS A 54 -32.17 2.75 1.65
CA HIS A 54 -32.77 3.07 0.35
C HIS A 54 -31.77 3.65 -0.63
N ILE A 55 -30.58 3.03 -0.68
CA ILE A 55 -29.53 3.47 -1.61
C ILE A 55 -29.43 2.48 -2.77
N LYS A 56 -29.54 3.00 -3.99
CA LYS A 56 -29.41 2.20 -5.20
C LYS A 56 -28.10 2.56 -5.91
N PRO A 57 -27.07 1.68 -5.82
CA PRO A 57 -25.81 2.02 -6.45
C PRO A 57 -25.91 2.26 -7.96
N ASP A 58 -25.11 3.19 -8.46
CA ASP A 58 -24.98 3.39 -9.91
C ASP A 58 -24.29 2.20 -10.57
N PHE A 59 -23.30 1.64 -9.86
CA PHE A 59 -22.47 0.53 -10.33
C PHE A 59 -22.34 -0.52 -9.26
N ASP A 60 -22.56 -1.78 -9.63
CA ASP A 60 -22.49 -2.90 -8.69
C ASP A 60 -21.65 -4.00 -9.35
N LEU A 61 -20.45 -4.22 -8.81
CA LEU A 61 -19.45 -5.07 -9.47
C LEU A 61 -19.59 -6.56 -9.13
N ASN A 62 -20.44 -6.85 -8.14
CA ASN A 62 -20.84 -8.23 -7.82
C ASN A 62 -19.68 -9.22 -7.69
N ILE A 63 -18.66 -8.87 -6.92
CA ILE A 63 -17.44 -9.68 -6.90
C ILE A 63 -17.45 -10.89 -5.96
N MET A 64 -18.34 -10.92 -4.96
CA MET A 64 -18.23 -11.93 -3.91
C MET A 64 -18.19 -13.36 -4.44
N LYS A 65 -17.21 -14.12 -3.97
CA LYS A 65 -17.16 -15.55 -4.19
C LYS A 65 -17.23 -16.25 -2.84
N GLU A 66 -17.74 -17.47 -2.82
CA GLU A 66 -17.83 -18.21 -1.57
C GLU A 66 -16.42 -18.58 -1.07
N ARG A 67 -16.16 -18.35 0.21
CA ARG A 67 -14.86 -18.66 0.82
C ARG A 67 -13.69 -18.04 0.04
N GLN A 68 -13.87 -16.77 -0.34
CA GLN A 68 -12.89 -16.08 -1.17
C GLN A 68 -11.62 -15.75 -0.38
N THR A 69 -10.49 -15.73 -1.07
CA THR A 69 -9.21 -15.41 -0.45
C THR A 69 -8.90 -13.92 -0.63
N LEU A 70 -7.91 -13.44 0.13
CA LEU A 70 -7.46 -12.06 -0.03
C LEU A 70 -7.01 -11.76 -1.45
N ALA A 71 -6.26 -12.68 -2.05
CA ALA A 71 -5.78 -12.46 -3.41
C ALA A 71 -6.97 -12.35 -4.36
N GLU A 72 -7.99 -13.19 -4.16
CA GLU A 72 -9.19 -13.17 -5.00
C GLU A 72 -9.95 -11.85 -4.91
N ILE A 73 -10.24 -11.39 -3.69
CA ILE A 73 -10.94 -10.11 -3.52
C ILE A 73 -10.13 -8.99 -4.17
N THR A 74 -8.83 -8.98 -3.94
CA THR A 74 -7.97 -7.90 -4.44
C THR A 74 -7.98 -7.85 -5.96
N SER A 75 -7.77 -9.01 -6.59
CA SER A 75 -7.74 -9.12 -8.04
C SER A 75 -9.09 -8.77 -8.65
N ASN A 76 -10.16 -9.37 -8.13
CA ASN A 76 -11.51 -9.14 -8.67
C ASN A 76 -11.93 -7.68 -8.53
N ALA A 77 -11.70 -7.08 -7.37
CA ALA A 77 -12.02 -5.68 -7.17
C ALA A 77 -11.19 -4.76 -8.07
N LEU A 78 -9.87 -5.01 -8.14
CA LEU A 78 -8.99 -4.17 -8.95
C LEU A 78 -9.34 -4.22 -10.45
N VAL A 79 -9.54 -5.43 -10.97
CA VAL A 79 -9.84 -5.60 -12.40
C VAL A 79 -11.17 -4.94 -12.77
N ARG A 80 -12.20 -5.16 -11.96
CA ARG A 80 -13.52 -4.57 -12.23
C ARG A 80 -13.55 -3.04 -12.04
N LEU A 81 -12.85 -2.52 -11.03
CA LEU A 81 -12.75 -1.09 -10.85
C LEU A 81 -11.92 -0.43 -11.95
N ASP A 82 -10.85 -1.12 -12.38
CA ASP A 82 -10.03 -0.61 -13.47
C ASP A 82 -10.89 -0.44 -14.71
N GLU A 83 -11.73 -1.42 -15.00
CA GLU A 83 -12.60 -1.38 -16.18
C GLU A 83 -13.59 -0.22 -16.07
N LEU A 84 -14.13 -0.01 -14.86
CA LEU A 84 -15.07 1.08 -14.64
C LEU A 84 -14.43 2.44 -14.92
N PHE A 85 -13.21 2.63 -14.41
CA PHE A 85 -12.51 3.91 -14.54
C PHE A 85 -12.03 4.23 -15.97
N LYS A 86 -12.04 3.22 -16.84
CA LYS A 86 -11.79 3.48 -18.27
C LYS A 86 -12.93 4.34 -18.82
N ASP A 87 -14.14 4.14 -18.28
CA ASP A 87 -15.36 4.77 -18.80
C ASP A 87 -15.87 5.98 -18.01
N ILE A 88 -15.64 5.96 -16.70
CA ILE A 88 -16.10 7.07 -15.87
C ILE A 88 -14.96 7.59 -15.01
N LYS A 89 -14.78 8.90 -15.06
CA LYS A 89 -13.70 9.58 -14.35
C LYS A 89 -14.24 10.60 -13.37
N PRO A 90 -14.51 10.19 -12.12
CA PRO A 90 -14.87 11.20 -11.12
C PRO A 90 -13.69 12.11 -10.82
N ASP A 91 -13.97 13.26 -10.20
CA ASP A 91 -12.92 14.15 -9.72
C ASP A 91 -12.23 13.58 -8.48
N ILE A 92 -12.99 12.87 -7.66
CA ILE A 92 -12.43 12.27 -6.44
C ILE A 92 -13.21 11.01 -6.10
N VAL A 93 -12.48 10.00 -5.66
CA VAL A 93 -13.03 8.76 -5.18
C VAL A 93 -12.91 8.74 -3.66
N LEU A 94 -14.03 8.45 -2.98
CA LEU A 94 -14.02 8.33 -1.53
C LEU A 94 -14.12 6.86 -1.14
N VAL A 95 -13.14 6.39 -0.38
CA VAL A 95 -13.13 5.02 0.14
C VAL A 95 -13.24 5.07 1.67
N HIS A 96 -13.59 3.92 2.26
CA HIS A 96 -13.81 3.89 3.68
C HIS A 96 -12.97 2.90 4.43
N GLY A 97 -12.28 3.34 5.47
CA GLY A 97 -11.80 2.38 6.46
C GLY A 97 -10.66 1.47 6.02
N ASP A 98 -10.87 0.16 6.09
CA ASP A 98 -9.73 -0.76 6.08
C ASP A 98 -10.00 -2.13 5.47
N THR A 99 -10.98 -2.22 4.57
CA THR A 99 -11.26 -3.50 3.92
C THR A 99 -10.37 -3.64 2.68
N THR A 100 -10.34 -4.85 2.13
CA THR A 100 -9.63 -5.08 0.87
C THR A 100 -10.27 -4.27 -0.25
N THR A 101 -11.59 -4.07 -0.21
CA THR A 101 -12.24 -3.14 -1.13
C THR A 101 -11.67 -1.73 -1.00
N THR A 102 -11.49 -1.24 0.25
CA THR A 102 -10.92 0.08 0.47
C THR A 102 -9.60 0.23 -0.27
N PHE A 103 -8.71 -0.74 -0.05
CA PHE A 103 -7.39 -0.71 -0.64
C PHE A 103 -7.45 -0.85 -2.17
N ALA A 104 -8.15 -1.86 -2.66
CA ALA A 104 -8.27 -2.05 -4.11
C ALA A 104 -8.90 -0.86 -4.81
N GLY A 105 -9.91 -0.24 -4.19
CA GLY A 105 -10.54 0.97 -4.72
C GLY A 105 -9.55 2.12 -4.84
N SER A 106 -8.76 2.32 -3.79
CA SER A 106 -7.74 3.36 -3.76
C SER A 106 -6.71 3.14 -4.85
N LEU A 107 -6.30 1.89 -4.99
CA LEU A 107 -5.25 1.52 -5.95
C LEU A 107 -5.76 1.69 -7.38
N ALA A 108 -6.98 1.26 -7.64
CA ALA A 108 -7.57 1.41 -8.97
C ALA A 108 -7.69 2.90 -9.36
N ALA A 109 -8.15 3.73 -8.41
CA ALA A 109 -8.22 5.18 -8.63
C ALA A 109 -6.84 5.76 -8.92
N PHE A 110 -5.86 5.38 -8.11
CA PHE A 110 -4.49 5.84 -8.32
C PHE A 110 -3.95 5.48 -9.72
N TYR A 111 -4.25 4.26 -10.18
CA TYR A 111 -3.77 3.80 -11.50
C TYR A 111 -4.34 4.65 -12.63
N HIS A 112 -5.47 5.31 -12.36
CA HIS A 112 -6.10 6.24 -13.31
C HIS A 112 -5.89 7.69 -12.97
N GLN A 113 -4.99 7.95 -12.02
CA GLN A 113 -4.66 9.29 -11.56
C GLN A 113 -5.91 10.06 -11.12
N ILE A 114 -6.80 9.35 -10.43
CA ILE A 114 -8.01 9.94 -9.82
C ILE A 114 -7.70 10.19 -8.35
N ALA A 115 -8.02 11.41 -7.89
CA ALA A 115 -7.83 11.77 -6.48
C ALA A 115 -8.61 10.86 -5.53
N VAL A 116 -8.07 10.65 -4.33
CA VAL A 116 -8.68 9.74 -3.36
C VAL A 116 -8.84 10.46 -2.02
N GLY A 117 -10.04 10.39 -1.45
CA GLY A 117 -10.31 10.78 -0.07
C GLY A 117 -10.58 9.55 0.77
N HIS A 118 -9.97 9.50 1.96
CA HIS A 118 -10.08 8.33 2.85
C HIS A 118 -10.92 8.69 4.05
N VAL A 119 -12.13 8.14 4.09
CA VAL A 119 -13.05 8.32 5.23
C VAL A 119 -12.64 7.31 6.30
N GLU A 120 -12.61 7.74 7.56
CA GLU A 120 -12.09 6.92 8.68
C GLU A 120 -10.60 6.59 8.47
N ALA A 121 -9.80 7.64 8.27
CA ALA A 121 -8.36 7.55 8.07
C ALA A 121 -7.58 7.53 9.38
N GLY A 122 -6.45 6.82 9.41
CA GLY A 122 -5.47 6.96 10.49
C GLY A 122 -5.56 6.03 11.69
N LEU A 123 -6.46 5.04 11.66
CA LEU A 123 -6.56 4.12 12.80
C LEU A 123 -5.37 3.15 12.74
N ARG A 124 -4.76 2.87 13.89
CA ARG A 124 -3.55 2.02 13.91
C ARG A 124 -3.48 1.17 15.16
N THR A 125 -3.05 -0.08 15.00
CA THR A 125 -2.56 -0.88 16.15
C THR A 125 -1.03 -1.00 16.17
N GLY A 126 -0.39 -0.75 15.03
CA GLY A 126 1.06 -0.96 14.88
C GLY A 126 1.44 -2.42 14.67
N ASN A 127 0.45 -3.30 14.55
CA ASN A 127 0.68 -4.75 14.40
C ASN A 127 0.14 -5.24 13.07
N LYS A 128 1.04 -5.61 12.15
CA LYS A 128 0.57 -5.96 10.81
C LYS A 128 -0.23 -7.26 10.71
N TYR A 129 -0.22 -8.06 11.78
CA TYR A 129 -1.04 -9.26 11.83
C TYR A 129 -2.24 -9.20 12.81
N SER A 130 -2.49 -8.01 13.36
CA SER A 130 -3.59 -7.81 14.30
C SER A 130 -4.05 -6.35 14.26
N PRO A 131 -5.12 -6.06 13.49
CA PRO A 131 -5.95 -6.96 12.68
C PRO A 131 -5.31 -7.25 11.32
N PHE A 132 -5.56 -8.45 10.79
CA PHE A 132 -5.00 -8.90 9.50
C PHE A 132 -6.14 -9.10 8.50
N PRO A 133 -6.10 -8.42 7.33
CA PRO A 133 -5.09 -7.52 6.78
C PRO A 133 -5.45 -6.05 6.98
N GLU A 134 -6.39 -5.77 7.88
CA GLU A 134 -6.92 -4.40 8.00
C GLU A 134 -5.88 -3.34 8.35
N GLU A 135 -4.93 -3.67 9.25
CA GLU A 135 -3.90 -2.71 9.59
C GLU A 135 -3.13 -2.25 8.33
N LEU A 136 -2.73 -3.21 7.50
CA LEU A 136 -2.03 -2.83 6.29
C LEU A 136 -2.93 -2.22 5.22
N ASN A 137 -4.18 -2.67 5.13
CA ASN A 137 -5.14 -2.03 4.21
C ASN A 137 -5.25 -0.52 4.47
N ARG A 138 -5.45 -0.15 5.73
CA ARG A 138 -5.55 1.28 6.03
C ARG A 138 -4.23 2.03 5.89
N GLN A 139 -3.11 1.36 6.15
CA GLN A 139 -1.79 1.99 5.98
C GLN A 139 -1.48 2.26 4.50
N MET A 140 -1.71 1.26 3.65
CA MET A 140 -1.48 1.42 2.21
C MET A 140 -2.45 2.41 1.58
N THR A 141 -3.72 2.35 2.01
CA THR A 141 -4.70 3.35 1.55
C THR A 141 -4.22 4.75 1.91
N GLY A 142 -3.66 4.88 3.11
CA GLY A 142 -3.10 6.16 3.55
C GLY A 142 -1.97 6.68 2.70
N ALA A 143 -1.18 5.78 2.11
CA ALA A 143 -0.11 6.19 1.20
C ALA A 143 -0.68 6.80 -0.09
N ILE A 144 -1.79 6.24 -0.56
CA ILE A 144 -2.45 6.71 -1.79
C ILE A 144 -3.30 7.99 -1.57
N ALA A 145 -4.00 8.04 -0.44
CA ALA A 145 -4.99 9.12 -0.22
C ALA A 145 -4.41 10.53 -0.30
N ASP A 146 -5.16 11.43 -0.94
CA ASP A 146 -4.82 12.85 -1.02
C ASP A 146 -5.41 13.61 0.14
N LEU A 147 -6.61 13.18 0.56
CA LEU A 147 -7.28 13.80 1.71
C LEU A 147 -7.61 12.73 2.73
N HIS A 148 -7.37 13.04 4.00
CA HIS A 148 -7.57 12.08 5.08
C HIS A 148 -8.60 12.58 6.04
N PHE A 149 -9.73 11.87 6.15
CA PHE A 149 -10.79 12.27 7.08
C PHE A 149 -10.68 11.43 8.34
N ALA A 150 -9.94 11.95 9.31
CA ALA A 150 -9.65 11.23 10.54
C ALA A 150 -10.83 11.41 11.49
N PRO A 151 -11.26 10.32 12.12
CA PRO A 151 -12.41 10.47 13.02
C PRO A 151 -12.05 11.27 14.29
N THR A 152 -10.82 11.09 14.78
CA THR A 152 -10.42 11.69 16.05
C THR A 152 -9.02 12.30 15.97
N GLY A 153 -8.69 13.10 16.98
CA GLY A 153 -7.37 13.69 17.13
C GLY A 153 -6.22 12.69 17.13
N GLN A 154 -6.41 11.55 17.80
CA GLN A 154 -5.32 10.58 17.84
C GLN A 154 -5.10 9.92 16.50
N ALA A 155 -6.16 9.76 15.71
CA ALA A 155 -5.98 9.26 14.33
C ALA A 155 -5.23 10.28 13.47
N LYS A 156 -5.53 11.56 13.63
CA LYS A 156 -4.76 12.61 12.94
C LYS A 156 -3.28 12.53 13.37
N ASP A 157 -3.05 12.38 14.67
CA ASP A 157 -1.68 12.30 15.17
C ASP A 157 -0.91 11.10 14.59
N ASN A 158 -1.60 9.98 14.42
CA ASN A 158 -1.02 8.79 13.77
C ASN A 158 -0.53 9.11 12.36
N LEU A 159 -1.36 9.83 11.61
CA LEU A 159 -0.98 10.24 10.24
C LEU A 159 0.18 11.24 10.22
N LEU A 160 0.16 12.20 11.13
CA LEU A 160 1.25 13.17 11.24
C LEU A 160 2.58 12.46 11.51
N LYS A 161 2.55 11.44 12.36
CA LYS A 161 3.75 10.68 12.71
C LYS A 161 4.29 9.92 11.50
N GLU A 162 3.43 9.67 10.52
CA GLU A 162 3.82 8.98 9.29
C GLU A 162 4.23 9.95 8.16
N ASN A 163 4.39 11.22 8.51
CA ASN A 163 4.85 12.25 7.58
C ASN A 163 3.78 12.74 6.60
N LYS A 164 2.52 12.53 6.92
CA LYS A 164 1.42 13.17 6.17
C LYS A 164 1.33 14.65 6.49
N LYS A 165 1.05 15.47 5.49
CA LYS A 165 0.96 16.91 5.74
C LYS A 165 -0.29 17.26 6.52
N ALA A 166 -0.13 18.15 7.50
CA ALA A 166 -1.23 18.57 8.37
C ALA A 166 -2.44 19.13 7.61
N ASP A 167 -2.18 19.87 6.53
CA ASP A 167 -3.26 20.50 5.77
C ASP A 167 -4.04 19.53 4.86
N SER A 168 -3.64 18.27 4.88
CA SER A 168 -4.36 17.21 4.16
C SER A 168 -5.20 16.33 5.08
N ILE A 169 -5.18 16.61 6.39
CA ILE A 169 -5.91 15.79 7.37
C ILE A 169 -6.96 16.65 8.05
N PHE A 170 -8.16 16.10 8.18
CA PHE A 170 -9.29 16.80 8.81
C PHE A 170 -9.92 15.90 9.84
N VAL A 171 -10.20 16.44 11.02
CA VAL A 171 -10.78 15.62 12.09
C VAL A 171 -12.28 15.85 12.08
N THR A 172 -13.03 14.82 11.69
CA THR A 172 -14.46 14.97 11.36
C THR A 172 -15.43 14.33 12.35
N GLY A 173 -14.91 13.47 13.22
CA GLY A 173 -15.74 12.49 13.94
C GLY A 173 -16.02 11.29 13.05
N ASN A 174 -16.56 10.22 13.63
CA ASN A 174 -16.85 9.03 12.84
C ASN A 174 -18.28 9.02 12.34
N THR A 175 -18.45 8.76 11.03
CA THR A 175 -19.80 8.71 10.47
C THR A 175 -20.72 7.63 11.08
N ALA A 176 -20.14 6.67 11.80
CA ALA A 176 -20.94 5.67 12.52
C ALA A 176 -21.96 6.36 13.42
N ILE A 177 -21.54 7.46 14.05
CA ILE A 177 -22.41 8.13 15.03
C ILE A 177 -23.58 8.83 14.31
N ASP A 178 -23.34 9.30 13.09
CA ASP A 178 -24.42 9.86 12.25
C ASP A 178 -25.59 8.88 12.12
N ALA A 179 -25.26 7.61 11.84
CA ALA A 179 -26.23 6.53 11.73
C ALA A 179 -26.84 6.14 13.10
N LEU A 180 -25.98 5.98 14.10
CA LEU A 180 -26.41 5.53 15.43
C LEU A 180 -27.42 6.48 16.08
N ASN A 181 -27.29 7.77 15.80
CA ASN A 181 -28.13 8.79 16.41
C ASN A 181 -29.59 8.77 15.99
N THR A 182 -29.88 7.98 14.96
CA THR A 182 -31.24 7.91 14.41
C THR A 182 -31.98 6.59 14.67
N THR A 183 -31.28 5.58 15.19
CA THR A 183 -31.82 4.21 15.18
C THR A 183 -32.51 3.77 16.48
N VAL A 184 -32.00 4.19 17.64
CA VAL A 184 -32.54 3.70 18.92
C VAL A 184 -33.87 4.35 19.26
N ARG A 185 -34.92 3.53 19.30
CA ARG A 185 -36.27 4.03 19.61
C ARG A 185 -36.81 3.53 20.95
N ASP A 186 -37.75 4.28 21.51
CA ASP A 186 -38.23 4.11 22.88
C ASP A 186 -38.81 2.73 23.22
N GLY A 187 -39.79 2.29 22.44
CA GLY A 187 -40.50 1.04 22.75
C GLY A 187 -40.15 -0.07 21.79
N TYR A 188 -38.85 -0.27 21.57
CA TYR A 188 -38.40 -1.31 20.65
C TYR A 188 -38.79 -2.70 21.11
N SER A 189 -39.19 -3.55 20.18
CA SER A 189 -39.47 -4.96 20.48
C SER A 189 -39.09 -5.88 19.31
N HIS A 190 -38.74 -7.12 19.65
CA HIS A 190 -38.35 -8.12 18.67
C HIS A 190 -38.65 -9.49 19.23
N PRO A 191 -39.08 -10.44 18.37
CA PRO A 191 -39.38 -11.81 18.84
C PRO A 191 -38.27 -12.46 19.65
N VAL A 192 -37.01 -12.20 19.31
CA VAL A 192 -35.88 -12.77 20.05
C VAL A 192 -35.78 -12.15 21.45
N LEU A 193 -36.02 -10.84 21.55
CA LEU A 193 -36.02 -10.18 22.86
C LEU A 193 -37.15 -10.68 23.75
N ASP A 194 -38.28 -11.03 23.13
CA ASP A 194 -39.39 -11.67 23.84
C ASP A 194 -38.95 -12.97 24.51
N GLN A 195 -38.15 -13.78 23.81
CA GLN A 195 -37.61 -15.03 24.36
C GLN A 195 -36.68 -14.77 25.54
N VAL A 196 -35.88 -13.71 25.44
CA VAL A 196 -34.95 -13.34 26.51
C VAL A 196 -35.72 -12.91 27.77
N GLY A 197 -36.81 -12.17 27.56
CA GLY A 197 -37.67 -11.73 28.67
C GLY A 197 -36.95 -10.90 29.70
N GLU A 198 -37.01 -11.35 30.96
CA GLU A 198 -36.41 -10.67 32.10
C GLU A 198 -34.90 -10.89 32.24
N ASP A 199 -34.37 -11.90 31.54
CA ASP A 199 -32.97 -12.30 31.70
C ASP A 199 -31.99 -11.24 31.22
N LYS A 200 -30.77 -11.28 31.74
CA LYS A 200 -29.69 -10.41 31.25
C LYS A 200 -29.24 -10.91 29.89
N MET A 201 -29.17 -10.01 28.92
CA MET A 201 -28.76 -10.38 27.57
C MET A 201 -27.32 -9.94 27.31
N ILE A 202 -26.53 -10.88 26.81
CA ILE A 202 -25.19 -10.60 26.31
C ILE A 202 -25.27 -10.65 24.78
N LEU A 203 -24.84 -9.58 24.13
CA LEU A 203 -24.86 -9.49 22.67
C LEU A 203 -23.47 -9.82 22.16
N LEU A 204 -23.40 -10.82 21.26
CA LEU A 204 -22.11 -11.35 20.79
C LEU A 204 -21.98 -11.20 19.27
N THR A 205 -20.83 -10.70 18.80
CA THR A 205 -20.47 -10.91 17.38
C THR A 205 -18.98 -11.24 17.34
N ALA A 206 -18.61 -12.10 16.41
CA ALA A 206 -17.20 -12.50 16.27
C ALA A 206 -16.90 -12.88 14.83
N HIS A 207 -15.92 -12.21 14.22
CA HIS A 207 -15.53 -12.52 12.83
C HIS A 207 -14.14 -12.15 12.36
N ARG A 208 -13.27 -11.65 13.23
CA ARG A 208 -11.92 -11.18 12.80
C ARG A 208 -11.15 -12.31 12.16
N ARG A 209 -10.49 -12.03 11.04
CA ARG A 209 -9.75 -13.07 10.29
C ARG A 209 -8.69 -13.77 11.15
N GLU A 210 -7.92 -12.98 11.91
CA GLU A 210 -6.86 -13.52 12.78
C GLU A 210 -7.43 -14.33 13.96
N ASN A 211 -8.73 -14.17 14.22
CA ASN A 211 -9.39 -14.93 15.28
C ASN A 211 -10.00 -16.25 14.80
N LEU A 212 -10.07 -16.47 13.49
CA LEU A 212 -10.67 -17.71 12.98
C LEU A 212 -9.91 -18.94 13.48
N GLY A 213 -10.65 -20.00 13.82
CA GLY A 213 -10.08 -21.24 14.33
C GLY A 213 -9.94 -21.25 15.84
N GLU A 214 -8.73 -21.54 16.32
CA GLU A 214 -8.46 -21.67 17.77
C GLU A 214 -8.91 -20.47 18.63
N PRO A 215 -8.55 -19.23 18.24
CA PRO A 215 -8.96 -18.14 19.11
C PRO A 215 -10.47 -18.07 19.28
N MET A 216 -11.21 -18.22 18.19
CA MET A 216 -12.66 -18.13 18.26
C MET A 216 -13.25 -19.28 19.08
N GLU A 217 -12.67 -20.48 18.94
CA GLU A 217 -13.12 -21.61 19.74
C GLU A 217 -12.88 -21.36 21.23
N ASN A 218 -11.76 -20.74 21.58
CA ASN A 218 -11.49 -20.32 22.96
C ASN A 218 -12.54 -19.34 23.49
N MET A 219 -12.90 -18.35 22.68
CA MET A 219 -13.97 -17.40 23.03
C MET A 219 -15.25 -18.15 23.30
N PHE A 220 -15.61 -19.05 22.38
CA PHE A 220 -16.90 -19.72 22.45
C PHE A 220 -16.98 -20.71 23.62
N LYS A 221 -15.87 -21.37 23.93
CA LYS A 221 -15.80 -22.22 25.13
C LYS A 221 -16.08 -21.43 26.41
N ALA A 222 -15.49 -20.23 26.50
CA ALA A 222 -15.68 -19.37 27.67
C ALA A 222 -17.13 -18.93 27.78
N ILE A 223 -17.68 -18.52 26.64
CA ILE A 223 -19.07 -18.04 26.61
C ILE A 223 -20.08 -19.15 26.94
N ARG A 224 -19.85 -20.34 26.40
CA ARG A 224 -20.68 -21.48 26.74
C ARG A 224 -20.65 -21.77 28.25
N ARG A 225 -19.48 -21.66 28.87
CA ARG A 225 -19.35 -21.84 30.32
C ARG A 225 -20.16 -20.81 31.11
N ILE A 226 -20.09 -19.55 30.68
CA ILE A 226 -20.86 -18.48 31.33
C ILE A 226 -22.38 -18.76 31.25
N VAL A 227 -22.87 -19.14 30.08
CA VAL A 227 -24.29 -19.45 29.89
C VAL A 227 -24.72 -20.60 30.80
N GLY A 228 -23.87 -21.63 30.87
CA GLY A 228 -24.17 -22.78 31.74
C GLY A 228 -24.24 -22.42 33.21
N GLU A 229 -23.30 -21.59 33.66
CA GLU A 229 -23.14 -21.24 35.06
C GLU A 229 -24.20 -20.24 35.59
N PHE A 230 -24.66 -19.36 34.70
CA PHE A 230 -25.59 -18.28 35.07
C PHE A 230 -26.93 -18.49 34.36
N GLU A 231 -27.88 -19.08 35.09
CA GLU A 231 -29.15 -19.51 34.48
C GLU A 231 -30.04 -18.36 33.98
N ASP A 232 -29.82 -17.16 34.52
CA ASP A 232 -30.60 -15.99 34.14
C ASP A 232 -29.91 -15.14 33.07
N VAL A 233 -28.98 -15.76 32.33
CA VAL A 233 -28.25 -15.08 31.25
C VAL A 233 -28.64 -15.72 29.92
N GLN A 234 -28.81 -14.90 28.89
CA GLN A 234 -28.98 -15.43 27.54
C GLN A 234 -28.11 -14.62 26.59
N VAL A 235 -27.57 -15.31 25.59
CA VAL A 235 -26.75 -14.70 24.56
C VAL A 235 -27.53 -14.58 23.27
N VAL A 236 -27.42 -13.44 22.61
CA VAL A 236 -27.95 -13.26 21.26
C VAL A 236 -26.73 -13.09 20.35
N TYR A 237 -26.66 -13.92 19.32
CA TYR A 237 -25.50 -13.97 18.41
C TYR A 237 -25.98 -13.93 16.96
N PRO A 238 -25.97 -12.74 16.34
CA PRO A 238 -26.27 -12.67 14.91
C PRO A 238 -25.01 -13.07 14.17
N VAL A 239 -25.04 -14.26 13.60
CA VAL A 239 -23.81 -14.91 13.11
C VAL A 239 -23.45 -14.46 11.70
N HIS A 240 -22.20 -13.99 11.54
CA HIS A 240 -21.62 -13.62 10.24
C HIS A 240 -21.83 -14.72 9.23
N LEU A 241 -22.00 -14.37 7.95
CA LEU A 241 -22.22 -15.39 6.92
C LEU A 241 -20.99 -16.21 6.51
N ASN A 242 -19.81 -15.84 7.01
CA ASN A 242 -18.60 -16.63 6.73
C ASN A 242 -18.81 -18.08 7.21
N PRO A 243 -18.77 -19.06 6.28
CA PRO A 243 -19.00 -20.46 6.68
C PRO A 243 -18.09 -20.93 7.82
N VAL A 244 -16.87 -20.39 7.89
CA VAL A 244 -15.90 -20.75 8.92
C VAL A 244 -16.39 -20.35 10.31
N VAL A 245 -16.95 -19.15 10.40
CA VAL A 245 -17.58 -18.67 11.62
C VAL A 245 -18.82 -19.51 11.98
N ARG A 246 -19.64 -19.80 10.98
CA ARG A 246 -20.86 -20.59 11.20
C ARG A 246 -20.58 -21.99 11.73
N GLU A 247 -19.53 -22.62 11.22
CA GLU A 247 -19.10 -23.94 11.74
C GLU A 247 -18.74 -23.87 13.22
N ALA A 248 -17.98 -22.84 13.60
CA ALA A 248 -17.56 -22.68 15.00
C ALA A 248 -18.76 -22.34 15.90
N ALA A 249 -19.67 -21.51 15.40
CA ALA A 249 -20.86 -21.16 16.18
C ALA A 249 -21.73 -22.39 16.44
N HIS A 250 -21.92 -23.21 15.41
CA HIS A 250 -22.70 -24.43 15.54
C HIS A 250 -22.04 -25.41 16.47
N LYS A 251 -20.73 -25.55 16.37
CA LYS A 251 -19.99 -26.50 17.19
C LYS A 251 -20.15 -26.22 18.70
N HIS A 252 -20.13 -24.94 19.08
CA HIS A 252 -20.11 -24.57 20.50
C HIS A 252 -21.43 -24.14 21.08
N PHE A 253 -22.37 -23.76 20.21
CA PHE A 253 -23.63 -23.16 20.67
C PHE A 253 -24.87 -23.82 20.08
N GLY A 254 -24.66 -24.78 19.17
CA GLY A 254 -25.74 -25.39 18.40
C GLY A 254 -26.81 -26.09 19.21
N ASP A 255 -26.43 -26.54 20.40
CA ASP A 255 -27.34 -27.25 21.29
C ASP A 255 -27.82 -26.42 22.48
N SER A 256 -27.50 -25.12 22.52
CA SER A 256 -27.87 -24.32 23.67
C SER A 256 -29.18 -23.56 23.49
N ASP A 257 -30.14 -23.79 24.38
CA ASP A 257 -31.41 -23.08 24.36
C ASP A 257 -31.25 -21.61 24.70
N ARG A 258 -30.18 -21.26 25.41
CA ARG A 258 -30.01 -19.89 25.88
C ARG A 258 -28.94 -19.10 25.10
N VAL A 259 -28.50 -19.68 23.99
CA VAL A 259 -27.73 -18.92 22.99
C VAL A 259 -28.52 -18.89 21.70
N HIS A 260 -28.97 -17.69 21.30
CA HIS A 260 -29.80 -17.55 20.12
C HIS A 260 -28.94 -17.27 18.93
N LEU A 261 -28.71 -18.29 18.11
CA LEU A 261 -27.97 -18.15 16.86
C LEU A 261 -28.94 -17.66 15.81
N ILE A 262 -28.77 -16.42 15.37
CA ILE A 262 -29.71 -15.81 14.41
C ILE A 262 -28.98 -15.24 13.18
N GLU A 263 -29.73 -14.95 12.12
CA GLU A 263 -29.13 -14.31 10.95
C GLU A 263 -28.70 -12.89 11.27
N PRO A 264 -27.73 -12.35 10.52
CA PRO A 264 -27.32 -10.97 10.78
C PRO A 264 -28.51 -10.03 10.85
N LEU A 265 -28.49 -9.14 11.83
CA LEU A 265 -29.59 -8.22 12.06
C LEU A 265 -29.39 -6.99 11.21
N GLU A 266 -30.50 -6.43 10.69
CA GLU A 266 -30.48 -5.09 10.12
C GLU A 266 -29.97 -4.08 11.15
N VAL A 267 -29.34 -2.99 10.68
CA VAL A 267 -28.64 -2.10 11.60
C VAL A 267 -29.57 -1.46 12.65
N ILE A 268 -30.80 -1.10 12.25
CA ILE A 268 -31.77 -0.54 13.22
C ILE A 268 -31.98 -1.55 14.36
N ASP A 269 -32.16 -2.82 14.00
CA ASP A 269 -32.39 -3.86 15.01
C ASP A 269 -31.14 -4.11 15.84
N PHE A 270 -29.99 -4.22 15.19
CA PHE A 270 -28.76 -4.41 15.93
C PHE A 270 -28.49 -3.30 16.97
N HIS A 271 -28.62 -2.04 16.57
CA HIS A 271 -28.44 -0.93 17.50
C HIS A 271 -29.35 -1.01 18.69
N ASN A 272 -30.61 -1.37 18.44
CA ASN A 272 -31.59 -1.49 19.51
C ASN A 272 -31.32 -2.68 20.44
N PHE A 273 -30.84 -3.79 19.89
CA PHE A 273 -30.36 -4.92 20.71
C PHE A 273 -29.19 -4.49 21.59
N ALA A 274 -28.23 -3.75 21.02
CA ALA A 274 -27.11 -3.24 21.81
C ALA A 274 -27.59 -2.37 22.98
N ALA A 275 -28.56 -1.51 22.70
CA ALA A 275 -29.09 -0.60 23.72
C ALA A 275 -29.76 -1.36 24.85
N LYS A 276 -30.30 -2.53 24.53
CA LYS A 276 -31.00 -3.35 25.52
C LYS A 276 -30.14 -4.39 26.20
N SER A 277 -28.94 -4.61 25.67
CA SER A 277 -28.02 -5.60 26.23
C SER A 277 -27.51 -5.23 27.62
N HIS A 278 -27.13 -6.25 28.39
CA HIS A 278 -26.45 -6.03 29.65
C HIS A 278 -25.01 -5.67 29.38
N PHE A 279 -24.35 -6.44 28.51
CA PHE A 279 -23.05 -6.05 27.97
C PHE A 279 -22.81 -6.75 26.64
N ILE A 280 -21.71 -6.37 25.99
CA ILE A 280 -21.39 -6.83 24.63
C ILE A 280 -20.05 -7.57 24.67
N LEU A 281 -19.96 -8.68 23.93
CA LEU A 281 -18.71 -9.39 23.66
C LEU A 281 -18.52 -9.30 22.16
N THR A 282 -17.41 -8.71 21.71
CA THR A 282 -17.25 -8.51 20.26
C THR A 282 -15.80 -8.41 19.83
N ASP A 283 -15.54 -8.75 18.57
CA ASP A 283 -14.28 -8.34 17.97
C ASP A 283 -14.52 -7.41 16.77
N SER A 284 -15.73 -6.85 16.69
CA SER A 284 -16.10 -5.86 15.66
C SER A 284 -15.41 -4.51 15.88
N GLY A 285 -15.02 -3.86 14.78
CA GLY A 285 -14.51 -2.48 14.86
C GLY A 285 -15.63 -1.48 15.12
N GLY A 286 -16.67 -1.53 14.31
CA GLY A 286 -17.79 -0.59 14.41
C GLY A 286 -18.52 -0.63 15.74
N VAL A 287 -18.68 -1.84 16.30
CA VAL A 287 -19.38 -1.95 17.59
C VAL A 287 -18.59 -1.24 18.71
N GLN A 288 -17.26 -1.25 18.61
CA GLN A 288 -16.43 -0.53 19.59
C GLN A 288 -16.66 0.97 19.59
N GLU A 289 -17.03 1.52 18.43
CA GLU A 289 -17.26 2.96 18.33
C GLU A 289 -18.65 3.33 18.78
N GLU A 290 -19.59 2.39 18.63
CA GLU A 290 -20.99 2.63 18.96
C GLU A 290 -21.27 2.55 20.46
N ALA A 291 -20.55 1.65 21.14
CA ALA A 291 -20.85 1.32 22.53
C ALA A 291 -20.73 2.47 23.55
N PRO A 292 -19.71 3.33 23.42
CA PRO A 292 -19.64 4.41 24.42
C PRO A 292 -20.90 5.29 24.46
N SER A 293 -21.47 5.57 23.29
CA SER A 293 -22.71 6.39 23.15
C SER A 293 -23.87 5.76 23.91
N LEU A 294 -23.85 4.42 23.99
CA LEU A 294 -24.89 3.66 24.63
C LEU A 294 -24.61 3.34 26.09
N GLY A 295 -23.41 3.70 26.57
CA GLY A 295 -22.95 3.37 27.90
C GLY A 295 -22.93 1.87 28.17
N LYS A 296 -22.53 1.09 27.17
CA LYS A 296 -22.60 -0.38 27.27
C LYS A 296 -21.22 -0.99 27.41
N PRO A 297 -20.96 -1.73 28.50
CA PRO A 297 -19.65 -2.37 28.64
C PRO A 297 -19.38 -3.32 27.48
N VAL A 298 -18.13 -3.33 27.01
CA VAL A 298 -17.72 -4.21 25.92
C VAL A 298 -16.45 -4.92 26.33
N LEU A 299 -16.48 -6.25 26.28
CA LEU A 299 -15.24 -7.01 26.31
C LEU A 299 -14.84 -7.23 24.85
N VAL A 300 -13.71 -6.62 24.47
CA VAL A 300 -13.19 -6.72 23.11
C VAL A 300 -12.34 -7.99 23.00
N LEU A 301 -12.80 -8.90 22.15
CA LEU A 301 -12.22 -10.25 22.02
C LEU A 301 -11.07 -10.23 21.02
N ARG A 302 -10.06 -9.41 21.33
CA ARG A 302 -8.87 -9.22 20.51
C ARG A 302 -7.67 -8.96 21.42
N ASP A 303 -6.47 -9.17 20.88
CA ASP A 303 -5.23 -8.85 21.61
C ASP A 303 -4.80 -7.39 21.39
N THR A 304 -5.49 -6.68 20.50
CA THR A 304 -5.20 -5.28 20.18
C THR A 304 -6.50 -4.53 19.92
N THR A 305 -6.47 -3.21 20.02
CA THR A 305 -7.54 -2.38 19.44
C THR A 305 -6.97 -1.07 18.91
N GLU A 306 -7.65 -0.51 17.91
CA GLU A 306 -7.28 0.78 17.36
C GLU A 306 -8.37 1.80 17.70
N ARG A 307 -9.12 1.49 18.75
CA ARG A 307 -10.10 2.41 19.34
C ARG A 307 -9.72 2.77 20.79
N PRO A 308 -8.58 3.46 20.96
CA PRO A 308 -8.13 3.73 22.34
C PRO A 308 -9.04 4.70 23.10
N GLU A 309 -9.73 5.58 22.38
CA GLU A 309 -10.64 6.52 23.05
C GLU A 309 -11.73 5.79 23.85
N GLY A 310 -12.23 4.68 23.30
CA GLY A 310 -13.25 3.90 23.97
C GLY A 310 -12.70 3.17 25.20
N VAL A 311 -11.41 2.82 25.15
CA VAL A 311 -10.75 2.18 26.27
C VAL A 311 -10.59 3.20 27.40
N GLU A 312 -10.19 4.42 27.03
CA GLU A 312 -10.00 5.47 28.03
C GLU A 312 -11.31 5.88 28.69
N ALA A 313 -12.41 5.74 27.95
CA ALA A 313 -13.74 6.05 28.48
C ALA A 313 -14.26 4.99 29.46
N GLY A 314 -13.56 3.86 29.53
CA GLY A 314 -13.94 2.75 30.40
C GLY A 314 -14.88 1.75 29.75
N THR A 315 -15.45 2.11 28.61
CA THR A 315 -16.40 1.30 27.87
C THR A 315 -15.77 0.03 27.29
N LEU A 316 -14.60 0.16 26.70
CA LEU A 316 -13.95 -0.97 26.04
C LEU A 316 -12.85 -1.54 26.90
N LYS A 317 -12.88 -2.87 27.08
CA LYS A 317 -11.80 -3.56 27.80
C LYS A 317 -11.28 -4.69 26.93
N LEU A 318 -9.99 -4.68 26.66
CA LEU A 318 -9.37 -5.73 25.86
C LEU A 318 -9.32 -7.02 26.68
N ALA A 319 -9.94 -8.07 26.15
CA ALA A 319 -10.04 -9.37 26.84
C ALA A 319 -9.09 -10.40 26.28
N GLY A 320 -8.52 -10.14 25.11
CA GLY A 320 -7.70 -11.14 24.40
C GLY A 320 -8.54 -12.29 23.87
N THR A 321 -7.89 -13.43 23.62
CA THR A 321 -8.60 -14.59 23.07
C THR A 321 -8.34 -15.86 23.90
N ASP A 322 -7.80 -15.70 25.10
CA ASP A 322 -7.62 -16.81 26.04
C ASP A 322 -8.97 -17.15 26.69
N GLU A 323 -9.31 -18.44 26.73
CA GLU A 323 -10.59 -18.89 27.28
C GLU A 323 -10.79 -18.44 28.73
N GLU A 324 -9.81 -18.71 29.59
CA GLU A 324 -9.99 -18.41 31.00
C GLU A 324 -10.12 -16.91 31.26
N ASN A 325 -9.36 -16.10 30.53
CA ASN A 325 -9.42 -14.64 30.70
C ASN A 325 -10.79 -14.08 30.33
N ILE A 326 -11.34 -14.56 29.22
CA ILE A 326 -12.66 -14.16 28.78
C ILE A 326 -13.73 -14.57 29.80
N TYR A 327 -13.66 -15.82 30.25
CA TYR A 327 -14.56 -16.31 31.28
C TYR A 327 -14.49 -15.41 32.54
N GLN A 328 -13.29 -15.15 33.04
CA GLN A 328 -13.12 -14.37 34.27
C GLN A 328 -13.67 -12.95 34.11
N LEU A 329 -13.38 -12.33 32.98
CA LEU A 329 -13.84 -10.94 32.79
C LEU A 329 -15.35 -10.85 32.61
N ALA A 330 -15.96 -11.82 31.94
CA ALA A 330 -17.42 -11.84 31.77
C ALA A 330 -18.10 -12.13 33.11
N LYS A 331 -17.54 -13.08 33.86
CA LYS A 331 -18.04 -13.38 35.20
C LYS A 331 -17.97 -12.15 36.11
N GLN A 332 -16.89 -11.39 36.01
CA GLN A 332 -16.77 -10.14 36.77
C GLN A 332 -17.90 -9.16 36.46
N LEU A 333 -18.22 -8.99 35.18
CA LEU A 333 -19.30 -8.09 34.78
C LEU A 333 -20.66 -8.55 35.30
N LEU A 334 -20.83 -9.87 35.46
CA LEU A 334 -22.08 -10.42 35.95
C LEU A 334 -22.18 -10.39 37.47
N THR A 335 -21.05 -10.21 38.16
CA THR A 335 -21.02 -10.36 39.62
C THR A 335 -20.49 -9.16 40.41
N ASP A 336 -19.87 -8.20 39.73
CA ASP A 336 -19.23 -7.06 40.39
C ASP A 336 -19.88 -5.73 39.98
N PRO A 337 -20.80 -5.20 40.83
CA PRO A 337 -21.49 -3.98 40.44
C PRO A 337 -20.59 -2.75 40.28
N ASP A 338 -19.50 -2.69 41.04
CA ASP A 338 -18.52 -1.61 40.93
C ASP A 338 -17.81 -1.62 39.57
N GLU A 339 -17.46 -2.81 39.10
CA GLU A 339 -16.81 -2.92 37.79
C GLU A 339 -17.79 -2.62 36.66
N TYR A 340 -19.01 -3.12 36.79
CA TYR A 340 -20.06 -2.82 35.81
C TYR A 340 -20.30 -1.31 35.71
N LYS A 341 -20.41 -0.65 36.86
CA LYS A 341 -20.58 0.80 36.88
C LYS A 341 -19.42 1.53 36.19
N LYS A 342 -18.18 1.09 36.44
CA LYS A 342 -16.99 1.71 35.84
C LYS A 342 -17.01 1.65 34.30
N MET A 343 -17.64 0.60 33.77
CA MET A 343 -17.65 0.37 32.32
C MET A 343 -18.91 0.86 31.62
N SER A 344 -19.87 1.40 32.37
CA SER A 344 -21.18 1.74 31.80
C SER A 344 -21.55 3.23 31.79
N GLN A 345 -20.54 4.09 31.83
CA GLN A 345 -20.73 5.54 31.75
C GLN A 345 -20.78 5.96 30.28
N ALA A 346 -21.88 6.58 29.84
CA ALA A 346 -22.01 7.01 28.45
C ALA A 346 -21.15 8.23 28.13
N SER A 347 -20.60 8.24 26.91
CA SER A 347 -19.85 9.39 26.41
C SER A 347 -19.84 9.34 24.90
N ASN A 348 -19.39 10.42 24.27
CA ASN A 348 -19.36 10.48 22.80
C ASN A 348 -17.99 10.86 22.22
N PRO A 349 -17.00 9.97 22.40
CA PRO A 349 -15.66 10.27 21.97
C PRO A 349 -15.46 10.11 20.45
N TYR A 350 -16.40 9.46 19.77
CA TYR A 350 -16.21 9.15 18.34
C TYR A 350 -17.03 10.00 17.39
N GLY A 351 -17.84 10.90 17.91
CA GLY A 351 -18.57 11.78 17.02
C GLY A 351 -19.80 12.41 17.63
N ASP A 352 -20.31 13.40 16.94
CA ASP A 352 -21.50 14.13 17.37
C ASP A 352 -22.65 14.06 16.36
N GLY A 353 -22.52 13.17 15.38
CA GLY A 353 -23.55 13.00 14.36
C GLY A 353 -23.40 13.91 13.14
N GLU A 354 -22.35 14.73 13.12
CA GLU A 354 -22.17 15.67 12.02
C GLU A 354 -20.95 15.38 11.15
N ALA A 355 -20.44 14.15 11.23
CA ALA A 355 -19.24 13.79 10.46
C ALA A 355 -19.43 13.89 8.96
N SER A 356 -20.55 13.36 8.46
CA SER A 356 -20.83 13.39 7.02
C SER A 356 -20.87 14.82 6.49
N ARG A 357 -21.56 15.69 7.21
CA ARG A 357 -21.57 17.11 6.84
C ARG A 357 -20.18 17.74 6.82
N ARG A 358 -19.35 17.47 7.83
CA ARG A 358 -17.99 17.99 7.84
C ARG A 358 -17.19 17.51 6.62
N ILE A 359 -17.33 16.23 6.29
CA ILE A 359 -16.61 15.67 5.14
C ILE A 359 -17.02 16.40 3.86
N VAL A 360 -18.33 16.55 3.64
CA VAL A 360 -18.82 17.24 2.43
C VAL A 360 -18.37 18.69 2.41
N GLU A 361 -18.52 19.38 3.54
CA GLU A 361 -18.08 20.78 3.58
C GLU A 361 -16.57 20.96 3.39
N GLU A 362 -15.77 20.02 3.92
CA GLU A 362 -14.34 20.03 3.65
C GLU A 362 -14.05 19.88 2.15
N LEU A 363 -14.76 18.96 1.49
CA LEU A 363 -14.61 18.78 0.05
C LEU A 363 -14.94 20.06 -0.72
N LEU A 364 -16.05 20.69 -0.36
CA LEU A 364 -16.48 21.90 -1.06
C LEU A 364 -15.49 23.06 -0.86
N PHE A 365 -14.94 23.18 0.34
CA PHE A 365 -13.91 24.17 0.59
C PHE A 365 -12.64 23.88 -0.21
N HIS A 366 -12.23 22.61 -0.22
CA HIS A 366 -10.99 22.24 -0.89
C HIS A 366 -11.04 22.55 -2.36
N TYR A 367 -12.19 22.32 -2.97
CA TYR A 367 -12.36 22.52 -4.41
C TYR A 367 -12.91 23.91 -4.81
N GLY A 368 -13.06 24.80 -3.82
CA GLY A 368 -13.38 26.22 -4.08
C GLY A 368 -14.85 26.64 -4.08
N TYR A 369 -15.74 25.73 -3.70
CA TYR A 369 -17.19 25.99 -3.69
C TYR A 369 -17.68 26.74 -2.45
N ARG A 370 -16.84 26.74 -1.40
CA ARG A 370 -17.17 27.44 -0.17
C ARG A 370 -15.95 28.24 0.24
N LYS A 371 -16.19 29.44 0.79
CA LYS A 371 -15.11 30.31 1.27
C LYS A 371 -14.63 29.90 2.66
N GLU A 372 -15.47 29.19 3.41
CA GLU A 372 -15.14 28.83 4.79
C GLU A 372 -14.97 27.34 4.94
N GLN A 373 -14.07 26.97 5.85
CA GLN A 373 -13.82 25.58 6.19
C GLN A 373 -14.60 25.26 7.46
N PRO A 374 -15.22 24.06 7.52
CA PRO A 374 -15.98 23.74 8.74
C PRO A 374 -15.06 23.53 9.93
N ASP A 375 -15.57 23.76 11.14
CA ASP A 375 -14.79 23.48 12.35
C ASP A 375 -14.64 21.97 12.51
N SER A 376 -13.53 21.54 13.11
CA SER A 376 -13.26 20.13 13.36
C SER A 376 -14.10 19.59 14.50
N PHE A 377 -14.27 18.28 14.53
CA PHE A 377 -14.91 17.61 15.65
C PHE A 377 -14.00 17.78 16.86
N THR A 378 -14.59 18.19 17.97
CA THR A 378 -13.83 18.47 19.19
C THR A 378 -13.98 17.32 20.17
N GLY A 379 -12.87 16.90 20.75
CA GLY A 379 -12.90 15.73 21.60
C GLY A 379 -12.80 16.01 23.07
N LYS A 380 -12.72 14.90 23.80
CA LYS A 380 -12.26 14.77 25.18
C LYS A 380 -11.71 16.00 25.87
N LEU A 381 -10.42 16.20 25.69
CA LEU A 381 -9.62 17.15 26.42
C LEU A 381 -10.02 18.58 26.07
N GLU A 382 -10.31 18.82 24.80
CA GLU A 382 -10.67 20.17 24.34
C GLU A 382 -11.96 20.67 24.98
N HIS A 383 -12.97 19.80 25.08
CA HIS A 383 -14.04 20.00 26.04
C HIS A 383 -13.39 19.76 27.37
N HIS A 384 -13.60 20.65 28.34
CA HIS A 384 -12.94 20.62 29.66
C HIS A 384 -11.78 21.56 29.77
N HIS A 385 -11.05 21.77 28.68
CA HIS A 385 -9.88 22.66 28.68
C HIS A 385 -9.89 23.67 27.57
N LYS B 2 17.88 -25.20 11.72
CA LYS B 2 17.36 -25.44 10.34
C LYS B 2 17.80 -24.34 9.38
N LYS B 3 17.88 -24.67 8.09
CA LYS B 3 18.29 -23.70 7.07
C LYS B 3 17.23 -22.63 6.87
N LEU B 4 17.67 -21.37 6.71
CA LEU B 4 16.77 -20.25 6.46
C LEU B 4 16.32 -20.31 5.01
N LYS B 5 15.00 -20.30 4.78
CA LYS B 5 14.47 -20.41 3.42
C LYS B 5 14.20 -19.01 2.89
N VAL B 6 14.98 -18.59 1.88
CA VAL B 6 14.94 -17.23 1.35
C VAL B 6 14.52 -17.30 -0.11
N MET B 7 13.54 -16.49 -0.51
CA MET B 7 13.15 -16.43 -1.91
C MET B 7 13.28 -15.01 -2.43
N THR B 8 14.02 -14.81 -3.51
CA THR B 8 14.05 -13.52 -4.17
C THR B 8 12.91 -13.52 -5.19
N VAL B 9 12.26 -12.36 -5.32
CA VAL B 9 11.15 -12.18 -6.27
C VAL B 9 11.40 -10.89 -7.05
N PHE B 10 11.48 -10.99 -8.37
CA PHE B 10 11.72 -9.81 -9.21
C PHE B 10 11.24 -10.09 -10.61
N GLY B 11 11.14 -9.07 -11.45
CA GLY B 11 10.56 -9.31 -12.77
C GLY B 11 11.02 -8.51 -13.97
N THR B 12 11.92 -7.54 -13.76
CA THR B 12 12.27 -6.57 -14.82
C THR B 12 13.79 -6.48 -14.94
N ARG B 13 14.25 -5.90 -16.05
CA ARG B 13 15.69 -5.64 -16.26
C ARG B 13 16.41 -5.03 -15.03
N PRO B 14 15.94 -3.86 -14.54
CA PRO B 14 16.70 -3.21 -13.46
C PRO B 14 16.73 -4.01 -12.17
N GLU B 15 15.62 -4.67 -11.83
CA GLU B 15 15.60 -5.53 -10.64
C GLU B 15 16.57 -6.68 -10.81
N ALA B 16 16.60 -7.27 -12.01
CA ALA B 16 17.45 -8.43 -12.27
C ALA B 16 18.93 -8.05 -12.15
N ILE B 17 19.30 -6.87 -12.64
CA ILE B 17 20.71 -6.41 -12.57
C ILE B 17 21.12 -6.22 -11.11
N LYS B 18 20.22 -5.62 -10.32
CA LYS B 18 20.50 -5.34 -8.92
C LYS B 18 20.31 -6.57 -8.03
N MET B 19 19.47 -7.50 -8.45
CA MET B 19 19.25 -8.71 -7.63
C MET B 19 20.22 -9.84 -7.94
N ALA B 20 20.79 -9.86 -9.14
CA ALA B 20 21.67 -10.97 -9.49
C ALA B 20 22.89 -11.10 -8.55
N PRO B 21 23.56 -9.98 -8.18
CA PRO B 21 24.66 -10.14 -7.21
C PRO B 21 24.21 -10.70 -5.87
N LEU B 22 23.00 -10.35 -5.43
CA LEU B 22 22.46 -10.88 -4.18
C LEU B 22 22.10 -12.35 -4.30
N VAL B 23 21.48 -12.74 -5.41
CA VAL B 23 21.14 -14.13 -5.67
C VAL B 23 22.43 -14.97 -5.60
N LEU B 24 23.50 -14.46 -6.20
CA LEU B 24 24.77 -15.20 -6.20
C LEU B 24 25.42 -15.24 -4.81
N GLU B 25 25.34 -14.13 -4.08
CA GLU B 25 25.85 -14.09 -2.68
C GLU B 25 25.13 -15.09 -1.79
N LEU B 26 23.79 -15.12 -1.87
CA LEU B 26 22.99 -16.03 -1.04
C LEU B 26 23.41 -17.49 -1.13
N LYS B 27 23.81 -17.92 -2.34
CA LYS B 27 24.22 -19.30 -2.58
C LYS B 27 25.52 -19.71 -1.86
N LYS B 28 26.31 -18.73 -1.41
CA LYS B 28 27.60 -18.99 -0.77
C LYS B 28 27.49 -19.42 0.69
N TYR B 29 26.28 -19.38 1.25
CA TYR B 29 26.08 -19.59 2.68
C TYR B 29 25.38 -20.91 2.98
N PRO B 30 26.06 -21.83 3.70
CA PRO B 30 25.49 -23.15 3.97
C PRO B 30 24.19 -23.12 4.79
N GLU B 31 24.02 -22.10 5.61
CA GLU B 31 22.81 -22.02 6.43
C GLU B 31 21.58 -21.45 5.69
N ILE B 32 21.74 -21.14 4.41
CA ILE B 32 20.62 -20.60 3.60
C ILE B 32 20.22 -21.53 2.47
N ASP B 33 18.91 -21.77 2.37
CA ASP B 33 18.31 -22.50 1.28
C ASP B 33 17.56 -21.44 0.47
N SER B 34 18.10 -21.07 -0.69
CA SER B 34 17.54 -19.96 -1.45
C SER B 34 16.90 -20.36 -2.77
N TYR B 35 15.85 -19.63 -3.12
CA TYR B 35 15.03 -19.86 -4.32
C TYR B 35 14.94 -18.57 -5.09
N VAL B 36 14.84 -18.68 -6.41
CA VAL B 36 14.77 -17.53 -7.31
C VAL B 36 13.44 -17.58 -8.06
N THR B 37 12.61 -16.56 -7.88
CA THR B 37 11.31 -16.49 -8.54
C THR B 37 11.25 -15.24 -9.39
N VAL B 38 10.93 -15.39 -10.68
CA VAL B 38 10.73 -14.21 -11.51
C VAL B 38 9.28 -14.16 -11.95
N THR B 39 8.70 -12.96 -11.93
CA THR B 39 7.35 -12.78 -12.46
C THR B 39 7.39 -12.67 -13.98
N ALA B 40 8.56 -12.32 -14.51
CA ALA B 40 8.70 -12.00 -15.94
C ALA B 40 7.66 -10.96 -16.39
N GLN B 41 7.55 -9.90 -15.59
CA GLN B 41 6.88 -8.68 -15.99
C GLN B 41 7.53 -8.16 -17.27
N HIS B 42 8.86 -8.31 -17.33
CA HIS B 42 9.63 -8.23 -18.58
C HIS B 42 9.91 -9.63 -19.04
N ARG B 43 9.95 -9.83 -20.36
CA ARG B 43 10.36 -11.15 -20.87
C ARG B 43 11.77 -11.08 -21.46
N GLN B 44 11.90 -10.50 -22.65
CA GLN B 44 13.20 -10.41 -23.31
C GLN B 44 14.23 -9.63 -22.49
N MET B 45 13.81 -8.51 -21.90
CA MET B 45 14.73 -7.66 -21.16
C MET B 45 15.16 -8.28 -19.84
N LEU B 46 14.31 -9.13 -19.25
CA LEU B 46 14.70 -9.90 -18.06
C LEU B 46 15.67 -11.03 -18.45
N ASP B 47 15.33 -11.76 -19.50
CA ASP B 47 16.14 -12.90 -19.95
C ASP B 47 17.55 -12.47 -20.35
N GLN B 48 17.69 -11.25 -20.87
CA GLN B 48 19.01 -10.71 -21.22
C GLN B 48 19.93 -10.67 -20.01
N VAL B 49 19.37 -10.28 -18.87
CA VAL B 49 20.13 -10.21 -17.63
C VAL B 49 20.39 -11.59 -17.03
N LEU B 50 19.36 -12.42 -16.94
CA LEU B 50 19.50 -13.76 -16.37
C LEU B 50 20.54 -14.55 -17.16
N ASP B 51 20.51 -14.45 -18.49
CA ASP B 51 21.49 -15.14 -19.33
C ASP B 51 22.91 -14.64 -19.12
N ALA B 52 23.08 -13.31 -18.97
CA ALA B 52 24.41 -12.73 -18.74
C ALA B 52 25.03 -13.19 -17.42
N PHE B 53 24.20 -13.33 -16.38
CA PHE B 53 24.67 -13.80 -15.08
C PHE B 53 24.61 -15.32 -14.95
N HIS B 54 24.12 -16.01 -15.99
CA HIS B 54 23.90 -17.46 -15.96
C HIS B 54 23.08 -17.90 -14.76
N ILE B 55 21.95 -17.21 -14.54
CA ILE B 55 21.03 -17.55 -13.46
C ILE B 55 19.76 -18.15 -14.05
N LYS B 56 19.40 -19.34 -13.56
CA LYS B 56 18.15 -20.00 -13.95
C LYS B 56 17.16 -19.95 -12.78
N PRO B 57 16.03 -19.25 -12.95
CA PRO B 57 15.07 -19.19 -11.85
C PRO B 57 14.46 -20.54 -11.52
N ASP B 58 14.14 -20.75 -10.24
CA ASP B 58 13.38 -21.92 -9.82
C ASP B 58 11.94 -21.84 -10.32
N PHE B 59 11.39 -20.62 -10.33
CA PHE B 59 10.01 -20.39 -10.73
C PHE B 59 9.96 -19.18 -11.65
N ASP B 60 9.23 -19.33 -12.76
CA ASP B 60 9.12 -18.28 -13.77
C ASP B 60 7.64 -18.19 -14.13
N LEU B 61 7.02 -17.08 -13.77
CA LEU B 61 5.57 -16.94 -13.87
C LEU B 61 5.09 -16.40 -15.22
N ASN B 62 6.04 -15.91 -16.03
CA ASN B 62 5.79 -15.53 -17.42
C ASN B 62 4.55 -14.64 -17.60
N ILE B 63 4.47 -13.55 -16.81
CA ILE B 63 3.25 -12.75 -16.81
C ILE B 63 3.14 -11.71 -17.93
N MET B 64 4.25 -11.37 -18.59
CA MET B 64 4.22 -10.21 -19.48
C MET B 64 3.16 -10.31 -20.57
N LYS B 65 2.38 -9.25 -20.70
CA LYS B 65 1.46 -9.08 -21.83
C LYS B 65 1.92 -7.83 -22.58
N GLU B 66 1.74 -7.81 -23.90
CA GLU B 66 2.13 -6.60 -24.64
C GLU B 66 1.21 -5.42 -24.30
N ARG B 67 1.82 -4.24 -24.13
CA ARG B 67 1.13 -2.99 -23.75
C ARG B 67 0.27 -3.19 -22.50
N GLN B 68 0.79 -3.94 -21.55
CA GLN B 68 0.04 -4.27 -20.33
C GLN B 68 -0.21 -3.02 -19.47
N THR B 69 -1.34 -3.04 -18.74
CA THR B 69 -1.66 -1.92 -17.86
C THR B 69 -1.17 -2.23 -16.44
N LEU B 70 -1.12 -1.20 -15.61
CA LEU B 70 -0.79 -1.38 -14.18
C LEU B 70 -1.70 -2.39 -13.48
N ALA B 71 -3.01 -2.29 -13.73
CA ALA B 71 -3.94 -3.25 -13.19
C ALA B 71 -3.65 -4.67 -13.63
N GLU B 72 -3.30 -4.87 -14.91
CA GLU B 72 -2.96 -6.18 -15.43
C GLU B 72 -1.71 -6.76 -14.76
N ILE B 73 -0.65 -5.98 -14.67
CA ILE B 73 0.58 -6.48 -14.02
C ILE B 73 0.25 -6.87 -12.58
N THR B 74 -0.46 -5.98 -11.88
CA THR B 74 -0.75 -6.19 -10.45
C THR B 74 -1.54 -7.46 -10.24
N SER B 75 -2.63 -7.63 -11.00
CA SER B 75 -3.47 -8.80 -10.90
C SER B 75 -2.73 -10.08 -11.29
N ASN B 76 -2.05 -10.06 -12.44
CA ASN B 76 -1.35 -11.25 -12.91
C ASN B 76 -0.26 -11.69 -11.94
N ALA B 77 0.52 -10.73 -11.46
CA ALA B 77 1.61 -11.05 -10.52
C ALA B 77 1.03 -11.57 -9.22
N LEU B 78 0.00 -10.88 -8.70
CA LEU B 78 -0.64 -11.28 -7.45
C LEU B 78 -1.21 -12.70 -7.50
N VAL B 79 -1.98 -12.98 -8.54
CA VAL B 79 -2.67 -14.27 -8.63
C VAL B 79 -1.66 -15.42 -8.77
N ARG B 80 -0.64 -15.22 -9.60
CA ARG B 80 0.37 -16.26 -9.83
C ARG B 80 1.28 -16.49 -8.62
N LEU B 81 1.66 -15.41 -7.92
CA LEU B 81 2.47 -15.55 -6.71
C LEU B 81 1.67 -16.17 -5.58
N ASP B 82 0.40 -15.78 -5.47
CA ASP B 82 -0.50 -16.39 -4.48
C ASP B 82 -0.56 -17.91 -4.71
N GLU B 83 -0.69 -18.33 -5.97
CA GLU B 83 -0.73 -19.76 -6.31
C GLU B 83 0.57 -20.45 -5.89
N LEU B 84 1.70 -19.77 -6.14
CA LEU B 84 3.02 -20.29 -5.78
C LEU B 84 3.13 -20.50 -4.27
N PHE B 85 2.69 -19.51 -3.51
CA PHE B 85 2.81 -19.53 -2.05
C PHE B 85 1.90 -20.54 -1.37
N LYS B 86 0.93 -21.09 -2.11
CA LYS B 86 0.13 -22.20 -1.60
C LYS B 86 0.98 -23.46 -1.43
N ASP B 87 2.00 -23.59 -2.28
CA ASP B 87 2.84 -24.79 -2.31
C ASP B 87 4.21 -24.61 -1.67
N ILE B 88 4.83 -23.45 -1.91
CA ILE B 88 6.15 -23.17 -1.32
C ILE B 88 6.08 -22.01 -0.34
N LYS B 89 6.58 -22.25 0.86
CA LYS B 89 6.51 -21.28 1.94
C LYS B 89 7.89 -20.91 2.45
N PRO B 90 8.52 -19.89 1.84
CA PRO B 90 9.81 -19.43 2.40
C PRO B 90 9.65 -18.72 3.74
N ASP B 91 10.75 -18.61 4.48
CA ASP B 91 10.78 -17.83 5.72
C ASP B 91 10.73 -16.34 5.43
N ILE B 92 11.37 -15.94 4.34
CA ILE B 92 11.41 -14.53 3.95
C ILE B 92 11.46 -14.41 2.43
N VAL B 93 10.70 -13.45 1.92
CA VAL B 93 10.72 -13.05 0.51
C VAL B 93 11.47 -11.72 0.41
N LEU B 94 12.43 -11.66 -0.49
CA LEU B 94 13.18 -10.44 -0.75
C LEU B 94 12.73 -9.84 -2.06
N VAL B 95 12.24 -8.61 -2.00
CA VAL B 95 11.84 -7.86 -3.18
C VAL B 95 12.78 -6.69 -3.40
N HIS B 96 12.72 -6.12 -4.61
CA HIS B 96 13.63 -5.05 -4.99
C HIS B 96 12.97 -3.79 -5.45
N GLY B 97 13.30 -2.69 -4.80
CA GLY B 97 13.09 -1.36 -5.41
C GLY B 97 11.64 -0.95 -5.54
N ASP B 98 11.17 -0.72 -6.78
CA ASP B 98 9.91 0.00 -6.92
C ASP B 98 9.04 -0.34 -8.12
N THR B 99 9.17 -1.55 -8.65
CA THR B 99 8.31 -1.98 -9.76
C THR B 99 6.95 -2.45 -9.26
N THR B 100 6.01 -2.68 -10.18
CA THR B 100 4.75 -3.28 -9.80
C THR B 100 4.93 -4.71 -9.30
N THR B 101 5.97 -5.39 -9.82
CA THR B 101 6.36 -6.71 -9.30
C THR B 101 6.79 -6.62 -7.84
N THR B 102 7.56 -5.59 -7.51
CA THR B 102 8.02 -5.35 -6.12
C THR B 102 6.81 -5.32 -5.19
N PHE B 103 5.84 -4.50 -5.56
CA PHE B 103 4.66 -4.33 -4.70
C PHE B 103 3.78 -5.57 -4.68
N ALA B 104 3.43 -6.11 -5.85
CA ALA B 104 2.64 -7.33 -5.91
C ALA B 104 3.28 -8.51 -5.17
N GLY B 105 4.60 -8.63 -5.27
CA GLY B 105 5.36 -9.69 -4.57
C GLY B 105 5.23 -9.54 -3.07
N SER B 106 5.40 -8.30 -2.59
CA SER B 106 5.28 -7.98 -1.16
C SER B 106 3.88 -8.28 -0.66
N LEU B 107 2.88 -7.89 -1.45
CA LEU B 107 1.48 -8.09 -1.09
C LEU B 107 1.10 -9.57 -1.05
N ALA B 108 1.54 -10.32 -2.06
CA ALA B 108 1.30 -11.77 -2.06
C ALA B 108 1.94 -12.47 -0.86
N ALA B 109 3.18 -12.11 -0.54
CA ALA B 109 3.86 -12.64 0.65
C ALA B 109 3.07 -12.31 1.91
N PHE B 110 2.68 -11.05 2.05
CA PHE B 110 1.89 -10.60 3.22
C PHE B 110 0.60 -11.41 3.37
N TYR B 111 -0.08 -11.66 2.25
CA TYR B 111 -1.33 -12.40 2.31
C TYR B 111 -1.14 -13.84 2.82
N HIS B 112 0.10 -14.35 2.70
CA HIS B 112 0.46 -15.66 3.25
C HIS B 112 1.24 -15.61 4.55
N GLN B 113 1.28 -14.41 5.14
CA GLN B 113 2.01 -14.14 6.37
C GLN B 113 3.49 -14.55 6.27
N ILE B 114 4.07 -14.32 5.10
CA ILE B 114 5.50 -14.51 4.86
C ILE B 114 6.22 -13.19 5.08
N ALA B 115 7.31 -13.23 5.86
CA ALA B 115 8.12 -12.03 6.10
C ALA B 115 8.68 -11.45 4.78
N VAL B 116 8.87 -10.14 4.76
CA VAL B 116 9.37 -9.43 3.56
C VAL B 116 10.59 -8.57 3.86
N GLY B 117 11.65 -8.73 3.05
CA GLY B 117 12.80 -7.83 3.10
C GLY B 117 12.82 -7.02 1.83
N HIS B 118 13.03 -5.72 1.97
CA HIS B 118 13.00 -4.77 0.84
C HIS B 118 14.39 -4.29 0.51
N VAL B 119 14.92 -4.78 -0.61
CA VAL B 119 16.23 -4.35 -1.11
C VAL B 119 16.03 -3.04 -1.88
N GLU B 120 16.94 -2.09 -1.66
CA GLU B 120 16.81 -0.71 -2.16
C GLU B 120 15.55 -0.02 -1.59
N ALA B 121 15.46 -0.05 -0.27
CA ALA B 121 14.35 0.56 0.48
C ALA B 121 14.54 2.06 0.71
N GLY B 122 13.42 2.80 0.70
CA GLY B 122 13.41 4.18 1.20
C GLY B 122 13.66 5.34 0.27
N LEU B 123 13.76 5.10 -1.04
CA LEU B 123 13.93 6.24 -1.96
C LEU B 123 12.61 7.00 -2.11
N ARG B 124 12.68 8.33 -2.13
CA ARG B 124 11.46 9.16 -2.21
C ARG B 124 11.67 10.42 -3.03
N THR B 125 10.62 10.83 -3.76
CA THR B 125 10.54 12.18 -4.33
C THR B 125 9.47 12.98 -3.61
N GLY B 126 8.58 12.31 -2.91
CA GLY B 126 7.44 12.96 -2.28
C GLY B 126 6.28 13.27 -3.23
N ASN B 127 6.44 12.88 -4.51
CA ASN B 127 5.45 13.20 -5.54
C ASN B 127 4.84 11.91 -6.10
N LYS B 128 3.55 11.69 -5.79
CA LYS B 128 2.87 10.43 -6.15
C LYS B 128 2.71 10.21 -7.66
N TYR B 129 2.95 11.26 -8.43
CA TYR B 129 2.84 11.12 -9.88
C TYR B 129 4.18 11.30 -10.61
N SER B 130 5.27 11.34 -9.84
CA SER B 130 6.61 11.49 -10.42
C SER B 130 7.69 10.95 -9.48
N PRO B 131 8.15 9.70 -9.71
CA PRO B 131 7.75 8.82 -10.81
C PRO B 131 6.44 8.07 -10.54
N PHE B 132 5.71 7.79 -11.61
CA PHE B 132 4.42 7.11 -11.54
C PHE B 132 4.49 5.74 -12.21
N PRO B 133 4.17 4.65 -11.48
CA PRO B 133 3.68 4.51 -10.09
C PRO B 133 4.80 4.18 -9.09
N GLU B 134 6.06 4.38 -9.49
CA GLU B 134 7.17 3.89 -8.67
C GLU B 134 7.20 4.46 -7.25
N GLU B 135 6.92 5.77 -7.13
CA GLU B 135 6.89 6.40 -5.81
C GLU B 135 5.92 5.67 -4.86
N LEU B 136 4.70 5.39 -5.30
CA LEU B 136 3.80 4.65 -4.42
C LEU B 136 4.15 3.17 -4.29
N ASN B 137 4.71 2.54 -5.33
CA ASN B 137 5.14 1.16 -5.20
C ASN B 137 6.12 1.02 -4.04
N ARG B 138 7.11 1.90 -3.99
CA ARG B 138 8.11 1.80 -2.92
C ARG B 138 7.53 2.18 -1.54
N GLN B 139 6.61 3.14 -1.51
CA GLN B 139 5.99 3.51 -0.24
C GLN B 139 5.10 2.39 0.30
N MET B 140 4.27 1.80 -0.56
CA MET B 140 3.41 0.70 -0.14
C MET B 140 4.21 -0.55 0.20
N THR B 141 5.29 -0.81 -0.55
CA THR B 141 6.19 -1.91 -0.17
C THR B 141 6.79 -1.65 1.22
N GLY B 142 7.12 -0.40 1.49
CA GLY B 142 7.64 -0.01 2.80
C GLY B 142 6.67 -0.25 3.94
N ALA B 143 5.38 -0.18 3.67
CA ALA B 143 4.37 -0.51 4.70
C ALA B 143 4.38 -2.00 5.07
N ILE B 144 4.70 -2.86 4.09
CA ILE B 144 4.65 -4.31 4.26
C ILE B 144 5.96 -4.84 4.84
N ALA B 145 7.07 -4.29 4.39
CA ALA B 145 8.40 -4.84 4.67
C ALA B 145 8.72 -4.90 6.17
N ASP B 146 9.29 -6.02 6.58
CA ASP B 146 9.77 -6.22 7.95
C ASP B 146 11.20 -5.74 8.11
N LEU B 147 11.99 -5.91 7.06
CA LEU B 147 13.39 -5.46 7.07
C LEU B 147 13.59 -4.54 5.86
N HIS B 148 14.31 -3.44 6.06
CA HIS B 148 14.54 -2.43 5.02
C HIS B 148 16.01 -2.30 4.74
N PHE B 149 16.44 -2.64 3.52
CA PHE B 149 17.85 -2.48 3.18
C PHE B 149 18.04 -1.21 2.38
N ALA B 150 18.34 -0.13 3.10
CA ALA B 150 18.46 1.19 2.50
C ALA B 150 19.84 1.34 1.85
N PRO B 151 19.89 1.89 0.62
CA PRO B 151 21.23 2.03 0.04
C PRO B 151 22.10 3.09 0.73
N THR B 152 21.48 4.16 1.20
CA THR B 152 22.22 5.31 1.73
C THR B 152 21.56 5.83 3.00
N GLY B 153 22.28 6.67 3.74
CA GLY B 153 21.74 7.24 4.98
C GLY B 153 20.50 8.08 4.76
N GLN B 154 20.42 8.79 3.63
CA GLN B 154 19.28 9.63 3.33
C GLN B 154 18.02 8.76 3.10
N ALA B 155 18.20 7.59 2.50
CA ALA B 155 17.07 6.64 2.30
C ALA B 155 16.56 6.12 3.66
N LYS B 156 17.49 5.82 4.56
CA LYS B 156 17.13 5.43 5.92
C LYS B 156 16.37 6.57 6.62
N ASP B 157 16.86 7.79 6.49
CA ASP B 157 16.19 8.95 7.09
C ASP B 157 14.77 9.09 6.54
N ASN B 158 14.58 8.85 5.25
CA ASN B 158 13.24 8.89 4.68
C ASN B 158 12.28 7.94 5.36
N LEU B 159 12.75 6.73 5.66
CA LEU B 159 11.94 5.72 6.34
C LEU B 159 11.70 6.11 7.80
N LEU B 160 12.72 6.68 8.43
CA LEU B 160 12.53 7.18 9.83
C LEU B 160 11.43 8.24 9.93
N LYS B 161 11.37 9.14 8.95
CA LYS B 161 10.36 10.19 8.92
C LYS B 161 8.96 9.61 8.77
N GLU B 162 8.86 8.39 8.25
CA GLU B 162 7.57 7.70 8.08
C GLU B 162 7.23 6.78 9.27
N ASN B 163 7.98 6.96 10.36
CA ASN B 163 7.73 6.22 11.61
C ASN B 163 8.16 4.73 11.56
N LYS B 164 9.05 4.37 10.64
CA LYS B 164 9.64 3.05 10.65
C LYS B 164 10.69 2.95 11.75
N LYS B 165 10.78 1.78 12.38
CA LYS B 165 11.71 1.55 13.49
C LYS B 165 13.15 1.51 12.99
N ALA B 166 14.03 2.29 13.62
CA ALA B 166 15.40 2.46 13.12
C ALA B 166 16.12 1.12 13.06
N ASP B 167 15.77 0.24 13.98
CA ASP B 167 16.47 -1.01 14.15
C ASP B 167 16.03 -2.06 13.10
N SER B 168 15.08 -1.68 12.25
CA SER B 168 14.61 -2.54 11.15
C SER B 168 15.17 -2.08 9.81
N ILE B 169 16.02 -1.04 9.84
CA ILE B 169 16.58 -0.46 8.62
C ILE B 169 18.11 -0.53 8.65
N PHE B 170 18.71 -1.05 7.58
CA PHE B 170 20.16 -1.19 7.52
C PHE B 170 20.68 -0.45 6.29
N VAL B 171 21.81 0.25 6.43
CA VAL B 171 22.38 0.99 5.32
C VAL B 171 23.49 0.14 4.69
N THR B 172 23.21 -0.43 3.51
CA THR B 172 24.04 -1.48 2.90
C THR B 172 24.85 -1.01 1.71
N GLY B 173 24.46 0.13 1.14
CA GLY B 173 24.90 0.54 -0.17
C GLY B 173 24.00 -0.12 -1.20
N ASN B 174 24.13 0.31 -2.45
CA ASN B 174 23.28 -0.24 -3.52
C ASN B 174 23.98 -1.39 -4.23
N THR B 175 23.29 -2.52 -4.39
CA THR B 175 23.87 -3.71 -5.05
C THR B 175 24.26 -3.46 -6.51
N ALA B 176 23.76 -2.37 -7.09
CA ALA B 176 24.16 -1.97 -8.45
C ALA B 176 25.66 -1.80 -8.56
N ILE B 177 26.28 -1.27 -7.51
CA ILE B 177 27.71 -1.04 -7.52
C ILE B 177 28.50 -2.36 -7.46
N ASP B 178 27.94 -3.38 -6.80
CA ASP B 178 28.52 -4.74 -6.83
C ASP B 178 28.75 -5.21 -8.29
N ALA B 179 27.73 -5.05 -9.12
CA ALA B 179 27.78 -5.41 -10.54
C ALA B 179 28.69 -4.47 -11.34
N LEU B 180 28.52 -3.15 -11.14
CA LEU B 180 29.27 -2.14 -11.89
C LEU B 180 30.78 -2.29 -11.70
N ASN B 181 31.20 -2.73 -10.52
CA ASN B 181 32.62 -2.82 -10.22
C ASN B 181 33.34 -3.96 -10.95
N THR B 182 32.59 -4.70 -11.78
CA THR B 182 33.12 -5.87 -12.48
C THR B 182 33.05 -5.77 -14.01
N THR B 183 32.32 -4.78 -14.53
CA THR B 183 31.99 -4.73 -15.97
C THR B 183 32.90 -3.88 -16.87
N VAL B 184 33.46 -2.78 -16.35
CA VAL B 184 34.20 -1.84 -17.19
C VAL B 184 35.50 -2.49 -17.70
N ARG B 185 35.77 -2.27 -18.98
CA ARG B 185 36.95 -2.84 -19.64
C ARG B 185 37.75 -1.75 -20.30
N ASP B 186 39.07 -1.75 -20.03
CA ASP B 186 39.99 -0.79 -20.61
C ASP B 186 39.99 -0.89 -22.14
N GLY B 187 40.02 -2.11 -22.66
CA GLY B 187 40.16 -2.35 -24.11
C GLY B 187 38.88 -2.57 -24.89
N TYR B 188 37.76 -2.08 -24.35
CA TYR B 188 36.43 -2.30 -24.93
C TYR B 188 36.24 -1.80 -26.36
N SER B 189 35.60 -2.63 -27.18
CA SER B 189 35.30 -2.32 -28.57
C SER B 189 33.88 -2.74 -28.96
N HIS B 190 33.23 -1.96 -29.81
CA HIS B 190 31.90 -2.28 -30.34
C HIS B 190 31.68 -1.66 -31.70
N PRO B 191 31.02 -2.40 -32.61
CA PRO B 191 30.73 -1.89 -33.98
C PRO B 191 30.06 -0.50 -34.00
N VAL B 192 29.16 -0.22 -33.05
CA VAL B 192 28.54 1.11 -32.94
C VAL B 192 29.54 2.19 -32.53
N LEU B 193 30.42 1.86 -31.58
CA LEU B 193 31.46 2.81 -31.17
C LEU B 193 32.45 3.09 -32.30
N ASP B 194 32.71 2.08 -33.13
CA ASP B 194 33.58 2.24 -34.30
C ASP B 194 33.07 3.34 -35.22
N GLN B 195 31.77 3.33 -35.52
CA GLN B 195 31.21 4.34 -36.41
C GLN B 195 31.03 5.71 -35.75
N VAL B 196 30.97 5.74 -34.43
CA VAL B 196 31.05 7.01 -33.70
C VAL B 196 32.47 7.59 -33.86
N GLY B 197 33.47 6.72 -33.77
CA GLY B 197 34.87 7.11 -33.97
C GLY B 197 35.38 8.14 -32.97
N GLU B 198 35.90 9.25 -33.49
CA GLU B 198 36.49 10.32 -32.67
C GLU B 198 35.47 11.33 -32.18
N ASP B 199 34.25 11.23 -32.68
CA ASP B 199 33.16 12.13 -32.28
C ASP B 199 32.78 11.97 -30.82
N LYS B 200 32.25 13.03 -30.23
CA LYS B 200 31.72 12.98 -28.87
C LYS B 200 30.45 12.16 -28.89
N MET B 201 30.30 11.28 -27.91
CA MET B 201 29.15 10.38 -27.88
C MET B 201 28.25 10.73 -26.71
N ILE B 202 26.98 10.97 -27.00
CA ILE B 202 25.98 11.15 -25.94
C ILE B 202 25.17 9.86 -25.85
N LEU B 203 25.13 9.29 -24.65
CA LEU B 203 24.40 8.05 -24.40
C LEU B 203 23.01 8.39 -23.87
N LEU B 204 21.97 7.89 -24.54
CA LEU B 204 20.58 8.27 -24.22
C LEU B 204 19.73 7.07 -23.86
N THR B 205 18.98 7.15 -22.75
CA THR B 205 17.86 6.21 -22.53
C THR B 205 16.66 7.01 -21.98
N ALA B 206 15.46 6.62 -22.38
CA ALA B 206 14.25 7.31 -21.90
C ALA B 206 13.08 6.34 -21.88
N HIS B 207 12.44 6.18 -20.72
CA HIS B 207 11.31 5.24 -20.62
C HIS B 207 10.35 5.48 -19.48
N ARG B 208 10.51 6.56 -18.71
CA ARG B 208 9.61 6.78 -17.55
C ARG B 208 8.17 6.87 -18.02
N ARG B 209 7.27 6.26 -17.27
CA ARG B 209 5.84 6.25 -17.60
C ARG B 209 5.23 7.67 -17.70
N GLU B 210 5.57 8.54 -16.74
CA GLU B 210 5.06 9.92 -16.72
C GLU B 210 5.69 10.79 -17.82
N ASN B 211 6.75 10.30 -18.46
CA ASN B 211 7.37 11.02 -19.58
C ASN B 211 6.86 10.61 -20.95
N LEU B 212 6.07 9.55 -21.03
CA LEU B 212 5.54 9.10 -22.34
C LEU B 212 4.68 10.19 -22.97
N GLY B 213 4.75 10.31 -24.29
CA GLY B 213 3.97 11.33 -25.00
C GLY B 213 4.71 12.64 -25.14
N GLU B 214 4.06 13.74 -24.75
CA GLU B 214 4.60 15.08 -24.94
C GLU B 214 5.98 15.35 -24.30
N PRO B 215 6.20 14.91 -23.03
CA PRO B 215 7.53 15.14 -22.44
C PRO B 215 8.68 14.51 -23.26
N MET B 216 8.47 13.28 -23.73
CA MET B 216 9.46 12.57 -24.51
C MET B 216 9.67 13.18 -25.90
N GLU B 217 8.59 13.69 -26.50
CA GLU B 217 8.70 14.47 -27.76
C GLU B 217 9.60 15.68 -27.56
N ASN B 218 9.41 16.39 -26.44
CA ASN B 218 10.23 17.55 -26.09
C ASN B 218 11.72 17.20 -25.95
N MET B 219 12.00 16.07 -25.27
CA MET B 219 13.37 15.59 -25.13
C MET B 219 13.98 15.34 -26.50
N PHE B 220 13.25 14.65 -27.35
CA PHE B 220 13.77 14.21 -28.64
C PHE B 220 13.98 15.37 -29.61
N LYS B 221 13.13 16.39 -29.48
CA LYS B 221 13.27 17.61 -30.29
C LYS B 221 14.53 18.37 -29.89
N ALA B 222 14.78 18.44 -28.58
CA ALA B 222 16.01 19.05 -28.06
C ALA B 222 17.27 18.31 -28.55
N ILE B 223 17.18 16.98 -28.60
CA ILE B 223 18.29 16.13 -29.04
C ILE B 223 18.57 16.33 -30.52
N ARG B 224 17.50 16.39 -31.32
CA ARG B 224 17.63 16.65 -32.76
C ARG B 224 18.32 17.98 -33.03
N ARG B 225 17.96 19.00 -32.25
CA ARG B 225 18.56 20.33 -32.37
C ARG B 225 20.05 20.33 -32.02
N ILE B 226 20.44 19.56 -31.01
CA ILE B 226 21.85 19.42 -30.62
C ILE B 226 22.66 18.76 -31.73
N VAL B 227 22.15 17.63 -32.24
CA VAL B 227 22.82 16.88 -33.31
C VAL B 227 23.00 17.74 -34.57
N GLY B 228 21.93 18.42 -34.98
CA GLY B 228 21.96 19.33 -36.12
C GLY B 228 22.99 20.45 -35.99
N GLU B 229 23.16 20.96 -34.77
CA GLU B 229 24.04 22.10 -34.51
C GLU B 229 25.49 21.68 -34.28
N PHE B 230 25.70 20.56 -33.60
CA PHE B 230 27.04 20.09 -33.29
C PHE B 230 27.44 18.92 -34.18
N GLU B 231 28.23 19.23 -35.21
CA GLU B 231 28.60 18.27 -36.26
C GLU B 231 29.44 17.09 -35.76
N ASP B 232 30.19 17.30 -34.68
CA ASP B 232 31.11 16.31 -34.14
C ASP B 232 30.51 15.53 -32.96
N VAL B 233 29.17 15.43 -32.94
CA VAL B 233 28.46 14.75 -31.87
C VAL B 233 27.57 13.66 -32.47
N GLN B 234 27.57 12.49 -31.84
CA GLN B 234 26.63 11.44 -32.21
C GLN B 234 25.94 10.89 -30.96
N VAL B 235 24.73 10.39 -31.14
CA VAL B 235 23.94 9.87 -30.04
C VAL B 235 23.77 8.37 -30.21
N VAL B 236 23.98 7.62 -29.12
CA VAL B 236 23.65 6.20 -29.12
C VAL B 236 22.46 6.02 -28.18
N TYR B 237 21.40 5.41 -28.71
CA TYR B 237 20.14 5.24 -27.99
C TYR B 237 19.72 3.78 -28.03
N PRO B 238 20.02 3.01 -26.97
CA PRO B 238 19.47 1.67 -26.85
C PRO B 238 18.01 1.76 -26.41
N VAL B 239 17.10 1.49 -27.35
CA VAL B 239 15.68 1.80 -27.14
C VAL B 239 14.94 0.70 -26.39
N HIS B 240 14.31 1.09 -25.27
CA HIS B 240 13.45 0.21 -24.46
C HIS B 240 12.44 -0.49 -25.35
N LEU B 241 12.03 -1.70 -24.96
CA LEU B 241 11.08 -2.49 -25.77
C LEU B 241 9.62 -2.01 -25.73
N ASN B 242 9.30 -1.09 -24.84
CA ASN B 242 7.94 -0.50 -24.81
C ASN B 242 7.58 0.10 -26.16
N PRO B 243 6.52 -0.44 -26.81
CA PRO B 243 6.21 0.05 -28.18
C PRO B 243 5.88 1.54 -28.24
N VAL B 244 5.37 2.12 -27.15
CA VAL B 244 5.12 3.56 -27.09
C VAL B 244 6.40 4.38 -27.20
N VAL B 245 7.46 3.92 -26.52
CA VAL B 245 8.78 4.53 -26.65
C VAL B 245 9.31 4.36 -28.07
N ARG B 246 9.20 3.14 -28.59
CA ARG B 246 9.70 2.81 -29.93
C ARG B 246 9.06 3.67 -31.04
N GLU B 247 7.76 3.92 -30.91
CA GLU B 247 7.06 4.83 -31.83
C GLU B 247 7.66 6.24 -31.82
N ALA B 248 7.91 6.76 -30.61
CA ALA B 248 8.48 8.10 -30.44
C ALA B 248 9.91 8.17 -30.97
N ALA B 249 10.70 7.13 -30.67
CA ALA B 249 12.09 7.03 -31.11
C ALA B 249 12.18 7.04 -32.64
N HIS B 250 11.38 6.19 -33.29
CA HIS B 250 11.32 6.11 -34.75
C HIS B 250 10.88 7.40 -35.37
N LYS B 251 9.81 8.00 -34.83
CA LYS B 251 9.28 9.27 -35.32
C LYS B 251 10.33 10.39 -35.37
N HIS B 252 11.15 10.47 -34.33
CA HIS B 252 12.11 11.57 -34.24
C HIS B 252 13.49 11.25 -34.75
N PHE B 253 13.88 9.99 -34.69
CA PHE B 253 15.27 9.62 -34.97
C PHE B 253 15.43 8.64 -36.13
N GLY B 254 14.33 8.18 -36.72
CA GLY B 254 14.40 7.45 -37.97
C GLY B 254 14.96 8.43 -38.98
N ASP B 255 15.82 7.95 -39.88
CA ASP B 255 16.45 8.79 -40.91
C ASP B 255 17.48 9.78 -40.36
N SER B 256 17.93 9.57 -39.12
CA SER B 256 19.02 10.35 -38.58
C SER B 256 20.30 9.53 -38.66
N ASP B 257 21.32 10.09 -39.33
CA ASP B 257 22.60 9.41 -39.49
C ASP B 257 23.40 9.41 -38.20
N ARG B 258 23.25 10.45 -37.40
CA ARG B 258 24.08 10.62 -36.20
C ARG B 258 23.36 10.31 -34.88
N VAL B 259 22.16 9.73 -34.96
CA VAL B 259 21.50 9.12 -33.80
C VAL B 259 21.33 7.63 -34.10
N HIS B 260 21.98 6.80 -33.28
CA HIS B 260 21.96 5.36 -33.50
C HIS B 260 20.95 4.68 -32.64
N LEU B 261 19.84 4.29 -33.25
CA LEU B 261 18.80 3.52 -32.55
C LEU B 261 19.18 2.05 -32.56
N ILE B 262 19.47 1.50 -31.37
CA ILE B 262 19.89 0.11 -31.25
C ILE B 262 19.02 -0.65 -30.25
N GLU B 263 19.08 -1.98 -30.30
CA GLU B 263 18.38 -2.80 -29.33
C GLU B 263 19.02 -2.63 -27.95
N PRO B 264 18.24 -2.86 -26.88
CA PRO B 264 18.82 -2.75 -25.53
C PRO B 264 20.13 -3.54 -25.41
N LEU B 265 21.12 -2.91 -24.78
CA LEU B 265 22.43 -3.52 -24.58
C LEU B 265 22.49 -4.46 -23.37
N GLU B 266 23.23 -5.55 -23.50
CA GLU B 266 23.61 -6.37 -22.34
C GLU B 266 24.29 -5.44 -21.36
N VAL B 267 24.17 -5.73 -20.06
CA VAL B 267 24.66 -4.78 -19.06
C VAL B 267 26.17 -4.50 -19.17
N ILE B 268 26.99 -5.51 -19.48
CA ILE B 268 28.44 -5.25 -19.64
C ILE B 268 28.66 -4.25 -20.77
N ASP B 269 27.95 -4.44 -21.87
CA ASP B 269 28.05 -3.50 -22.98
C ASP B 269 27.56 -2.11 -22.60
N PHE B 270 26.42 -2.02 -21.92
CA PHE B 270 25.90 -0.71 -21.55
C PHE B 270 26.85 0.06 -20.64
N HIS B 271 27.38 -0.61 -19.62
CA HIS B 271 28.32 0.01 -18.71
C HIS B 271 29.53 0.51 -19.46
N ASN B 272 30.00 -0.27 -20.42
CA ASN B 272 31.14 0.17 -21.23
C ASN B 272 30.84 1.31 -22.18
N PHE B 273 29.63 1.35 -22.73
CA PHE B 273 29.19 2.53 -23.47
C PHE B 273 29.13 3.78 -22.58
N ALA B 274 28.63 3.63 -21.35
CA ALA B 274 28.56 4.75 -20.41
C ALA B 274 29.96 5.31 -20.08
N ALA B 275 30.91 4.40 -19.88
CA ALA B 275 32.29 4.78 -19.59
C ALA B 275 32.95 5.55 -20.75
N LYS B 276 32.56 5.19 -21.98
CA LYS B 276 33.09 5.83 -23.20
C LYS B 276 32.37 7.11 -23.60
N SER B 277 31.17 7.32 -23.05
CA SER B 277 30.35 8.46 -23.43
C SER B 277 30.97 9.79 -23.00
N HIS B 278 30.60 10.87 -23.68
CA HIS B 278 30.97 12.21 -23.27
C HIS B 278 30.09 12.65 -22.11
N PHE B 279 28.79 12.45 -22.27
CA PHE B 279 27.84 12.56 -21.15
C PHE B 279 26.58 11.78 -21.46
N ILE B 280 25.68 11.70 -20.48
CA ILE B 280 24.49 10.85 -20.54
C ILE B 280 23.24 11.73 -20.41
N LEU B 281 22.23 11.46 -21.23
CA LEU B 281 20.88 12.02 -21.04
C LEU B 281 20.00 10.83 -20.71
N THR B 282 19.37 10.85 -19.54
CA THR B 282 18.58 9.70 -19.13
C THR B 282 17.43 10.05 -18.18
N ASP B 283 16.38 9.23 -18.21
CA ASP B 283 15.41 9.26 -17.12
C ASP B 283 15.40 7.95 -16.32
N SER B 284 16.45 7.15 -16.48
CA SER B 284 16.63 5.89 -15.74
C SER B 284 17.01 6.10 -14.28
N GLY B 285 16.49 5.25 -13.39
CA GLY B 285 16.92 5.26 -12.00
C GLY B 285 18.32 4.70 -11.81
N GLY B 286 18.53 3.49 -12.33
CA GLY B 286 19.80 2.78 -12.19
C GLY B 286 20.97 3.53 -12.80
N VAL B 287 20.77 4.12 -13.97
CA VAL B 287 21.84 4.88 -14.61
C VAL B 287 22.31 6.04 -13.72
N GLN B 288 21.38 6.66 -13.00
CA GLN B 288 21.74 7.74 -12.08
C GLN B 288 22.69 7.30 -10.96
N GLU B 289 22.57 6.06 -10.51
CA GLU B 289 23.42 5.55 -9.44
C GLU B 289 24.79 5.09 -9.94
N GLU B 290 24.84 4.71 -11.22
CA GLU B 290 26.06 4.20 -11.85
C GLU B 290 27.01 5.33 -12.28
N ALA B 291 26.44 6.44 -12.76
CA ALA B 291 27.22 7.56 -13.29
C ALA B 291 28.29 8.19 -12.37
N PRO B 292 27.99 8.40 -11.06
CA PRO B 292 29.04 9.01 -10.23
C PRO B 292 30.35 8.20 -10.21
N SER B 293 30.24 6.87 -10.14
CA SER B 293 31.42 5.97 -10.13
C SER B 293 32.26 6.12 -11.40
N LEU B 294 31.57 6.44 -12.49
CA LEU B 294 32.19 6.60 -13.80
C LEU B 294 32.67 8.03 -14.07
N GLY B 295 32.32 8.95 -13.17
CA GLY B 295 32.62 10.38 -13.34
C GLY B 295 31.99 10.96 -14.60
N LYS B 296 30.76 10.53 -14.89
CA LYS B 296 30.09 10.88 -16.14
C LYS B 296 28.93 11.83 -15.86
N PRO B 297 28.96 13.03 -16.44
CA PRO B 297 27.86 13.98 -16.29
C PRO B 297 26.56 13.38 -16.82
N VAL B 298 25.47 13.64 -16.09
CA VAL B 298 24.14 13.16 -16.46
C VAL B 298 23.16 14.32 -16.40
N LEU B 299 22.47 14.56 -17.50
CA LEU B 299 21.28 15.39 -17.47
C LEU B 299 20.10 14.45 -17.29
N VAL B 300 19.43 14.59 -16.15
CA VAL B 300 18.29 13.77 -15.79
C VAL B 300 17.02 14.42 -16.37
N LEU B 301 16.43 13.73 -17.35
CA LEU B 301 15.25 14.20 -18.08
C LEU B 301 13.97 13.92 -17.30
N ARG B 302 13.91 14.50 -16.10
CA ARG B 302 12.76 14.37 -15.21
C ARG B 302 12.57 15.68 -14.45
N ASP B 303 11.34 15.90 -13.94
CA ASP B 303 11.11 17.04 -13.06
C ASP B 303 11.47 16.76 -11.59
N THR B 304 11.75 15.50 -11.28
CA THR B 304 12.14 15.06 -9.92
C THR B 304 13.25 14.02 -9.99
N THR B 305 14.00 13.88 -8.91
CA THR B 305 14.81 12.68 -8.71
C THR B 305 14.81 12.21 -7.26
N GLU B 306 15.00 10.91 -7.07
CA GLU B 306 15.12 10.32 -5.75
C GLU B 306 16.57 9.84 -5.52
N ARG B 307 17.48 10.40 -6.31
CA ARG B 307 18.93 10.20 -6.15
C ARG B 307 19.62 11.53 -5.81
N PRO B 308 19.31 12.11 -4.63
CA PRO B 308 19.90 13.41 -4.31
C PRO B 308 21.42 13.32 -4.04
N GLU B 309 21.90 12.14 -3.68
CA GLU B 309 23.33 11.93 -3.40
C GLU B 309 24.17 12.20 -4.65
N GLY B 310 23.66 11.78 -5.81
CA GLY B 310 24.36 12.04 -7.07
C GLY B 310 24.29 13.49 -7.50
N VAL B 311 23.21 14.17 -7.12
CA VAL B 311 23.05 15.59 -7.37
C VAL B 311 24.08 16.37 -6.53
N GLU B 312 24.20 15.99 -5.26
CA GLU B 312 25.17 16.61 -4.35
C GLU B 312 26.61 16.43 -4.83
N ALA B 313 26.90 15.26 -5.41
CA ALA B 313 28.22 14.96 -5.95
C ALA B 313 28.52 15.74 -7.25
N GLY B 314 27.51 16.39 -7.81
CA GLY B 314 27.66 17.18 -9.03
C GLY B 314 27.47 16.40 -10.31
N THR B 315 27.39 15.07 -10.20
CA THR B 315 27.25 14.19 -11.35
C THR B 315 25.90 14.37 -12.06
N LEU B 316 24.85 14.47 -11.25
CA LEU B 316 23.49 14.51 -11.76
C LEU B 316 22.91 15.92 -11.71
N LYS B 317 22.31 16.33 -12.82
CA LYS B 317 21.62 17.62 -12.88
C LYS B 317 20.21 17.41 -13.44
N LEU B 318 19.21 17.85 -12.70
CA LEU B 318 17.82 17.75 -13.14
C LEU B 318 17.59 18.72 -14.31
N ALA B 319 17.16 18.20 -15.46
CA ALA B 319 16.93 19.05 -16.63
C ALA B 319 15.46 19.28 -16.92
N GLY B 320 14.59 18.50 -16.29
CA GLY B 320 13.16 18.57 -16.54
C GLY B 320 12.84 17.97 -17.91
N THR B 321 11.69 18.37 -18.46
CA THR B 321 11.24 17.84 -19.75
C THR B 321 10.83 18.96 -20.75
N ASP B 322 11.28 20.19 -20.48
CA ASP B 322 11.08 21.30 -21.41
C ASP B 322 12.14 21.25 -22.51
N GLU B 323 11.71 21.31 -23.77
CA GLU B 323 12.63 21.26 -24.92
C GLU B 323 13.80 22.24 -24.81
N GLU B 324 13.49 23.51 -24.61
CA GLU B 324 14.51 24.57 -24.58
C GLU B 324 15.52 24.38 -23.44
N ASN B 325 15.01 24.02 -22.26
CA ASN B 325 15.86 23.73 -21.10
C ASN B 325 16.87 22.60 -21.35
N ILE B 326 16.39 21.49 -21.92
CA ILE B 326 17.27 20.37 -22.24
C ILE B 326 18.31 20.77 -23.28
N TYR B 327 17.88 21.49 -24.32
CA TYR B 327 18.79 22.01 -25.34
C TYR B 327 19.90 22.86 -24.72
N GLN B 328 19.51 23.83 -23.89
CA GLN B 328 20.46 24.75 -23.26
C GLN B 328 21.45 24.04 -22.34
N LEU B 329 20.97 23.07 -21.59
CA LEU B 329 21.84 22.32 -20.68
C LEU B 329 22.83 21.43 -21.41
N ALA B 330 22.37 20.76 -22.48
CA ALA B 330 23.23 19.93 -23.31
C ALA B 330 24.28 20.79 -24.04
N LYS B 331 23.83 21.91 -24.61
CA LYS B 331 24.73 22.87 -25.27
C LYS B 331 25.82 23.36 -24.30
N GLN B 332 25.43 23.65 -23.06
CA GLN B 332 26.38 24.06 -22.03
C GLN B 332 27.46 23.00 -21.76
N LEU B 333 27.06 21.74 -21.64
CA LEU B 333 28.03 20.66 -21.42
C LEU B 333 28.98 20.47 -22.59
N LEU B 334 28.52 20.83 -23.78
CA LEU B 334 29.31 20.71 -25.01
C LEU B 334 30.28 21.87 -25.19
N THR B 335 29.98 23.02 -24.58
CA THR B 335 30.70 24.27 -24.87
C THR B 335 31.35 24.95 -23.65
N ASP B 336 31.10 24.41 -22.45
CA ASP B 336 31.65 24.98 -21.23
C ASP B 336 32.47 23.94 -20.46
N PRO B 337 33.81 24.01 -20.59
CA PRO B 337 34.73 23.08 -19.92
C PRO B 337 34.70 23.17 -18.38
N ASP B 338 34.39 24.34 -17.84
CA ASP B 338 34.22 24.52 -16.39
C ASP B 338 33.02 23.73 -15.86
N GLU B 339 31.88 23.88 -16.53
CA GLU B 339 30.67 23.13 -16.18
C GLU B 339 30.90 21.62 -16.33
N TYR B 340 31.49 21.21 -17.45
CA TYR B 340 31.83 19.79 -17.67
C TYR B 340 32.73 19.22 -16.55
N LYS B 341 33.79 19.94 -16.19
CA LYS B 341 34.66 19.52 -15.10
C LYS B 341 33.91 19.36 -13.77
N LYS B 342 33.02 20.32 -13.49
CA LYS B 342 32.20 20.31 -12.27
C LYS B 342 31.37 19.02 -12.15
N MET B 343 30.91 18.54 -13.30
CA MET B 343 30.00 17.40 -13.35
C MET B 343 30.69 16.06 -13.58
N SER B 344 32.02 16.09 -13.73
CA SER B 344 32.74 14.87 -14.13
C SER B 344 33.75 14.34 -13.10
N GLN B 345 33.59 14.71 -11.83
CA GLN B 345 34.43 14.17 -10.79
C GLN B 345 33.84 12.85 -10.29
N ALA B 346 34.64 11.79 -10.34
CA ALA B 346 34.21 10.47 -9.89
C ALA B 346 34.10 10.36 -8.37
N SER B 347 33.02 9.74 -7.90
CA SER B 347 32.87 9.41 -6.49
C SER B 347 31.97 8.19 -6.34
N ASN B 348 31.87 7.67 -5.12
CA ASN B 348 31.05 6.48 -4.86
C ASN B 348 30.00 6.66 -3.75
N PRO B 349 29.02 7.54 -3.99
CA PRO B 349 28.01 7.82 -2.98
C PRO B 349 26.97 6.70 -2.83
N TYR B 350 26.94 5.76 -3.79
CA TYR B 350 25.88 4.75 -3.77
C TYR B 350 26.31 3.36 -3.32
N GLY B 351 27.60 3.10 -3.24
CA GLY B 351 28.03 1.77 -2.81
C GLY B 351 29.52 1.57 -2.89
N ASP B 352 30.01 0.54 -2.21
CA ASP B 352 31.42 0.17 -2.27
C ASP B 352 31.62 -1.24 -2.83
N GLY B 353 30.54 -1.83 -3.37
CA GLY B 353 30.62 -3.17 -3.94
C GLY B 353 30.39 -4.29 -2.94
N GLU B 354 30.09 -3.93 -1.69
CA GLU B 354 29.87 -4.93 -0.64
C GLU B 354 28.41 -5.01 -0.15
N ALA B 355 27.47 -4.45 -0.93
CA ALA B 355 26.05 -4.41 -0.52
C ALA B 355 25.42 -5.81 -0.38
N SER B 356 25.67 -6.70 -1.33
CA SER B 356 25.11 -8.06 -1.27
C SER B 356 25.57 -8.80 -0.01
N ARG B 357 26.86 -8.72 0.28
CA ARG B 357 27.40 -9.33 1.49
C ARG B 357 26.71 -8.77 2.73
N ARG B 358 26.55 -7.44 2.81
CA ARG B 358 25.91 -6.82 3.98
C ARG B 358 24.47 -7.30 4.14
N ILE B 359 23.73 -7.41 3.04
CA ILE B 359 22.33 -7.84 3.12
C ILE B 359 22.25 -9.24 3.68
N VAL B 360 23.07 -10.16 3.18
CA VAL B 360 23.01 -11.52 3.64
C VAL B 360 23.47 -11.60 5.11
N GLU B 361 24.51 -10.87 5.46
CA GLU B 361 25.00 -10.92 6.84
C GLU B 361 23.98 -10.35 7.83
N GLU B 362 23.27 -9.28 7.42
CA GLU B 362 22.17 -8.75 8.23
C GLU B 362 21.04 -9.78 8.41
N LEU B 363 20.65 -10.46 7.34
CA LEU B 363 19.65 -11.53 7.44
C LEU B 363 20.09 -12.60 8.45
N LEU B 364 21.34 -13.01 8.35
CA LEU B 364 21.85 -14.06 9.22
C LEU B 364 21.88 -13.64 10.67
N PHE B 365 22.29 -12.39 10.93
CA PHE B 365 22.25 -11.83 12.28
C PHE B 365 20.82 -11.77 12.81
N HIS B 366 19.93 -11.22 12.00
CA HIS B 366 18.54 -11.06 12.41
C HIS B 366 17.88 -12.36 12.80
N TYR B 367 18.17 -13.43 12.08
CA TYR B 367 17.55 -14.73 12.33
C TYR B 367 18.36 -15.62 13.28
N GLY B 368 19.43 -15.08 13.84
CA GLY B 368 20.20 -15.75 14.89
C GLY B 368 21.25 -16.75 14.42
N TYR B 369 21.69 -16.64 13.17
CA TYR B 369 22.73 -17.51 12.63
C TYR B 369 24.13 -16.97 12.85
N ARG B 370 24.21 -15.66 13.08
CA ARG B 370 25.47 -14.98 13.36
C ARG B 370 25.30 -14.13 14.59
N LYS B 371 26.34 -14.07 15.42
CA LYS B 371 26.28 -13.29 16.66
C LYS B 371 26.55 -11.81 16.43
N GLU B 372 27.20 -11.48 15.30
CA GLU B 372 27.60 -10.11 15.00
C GLU B 372 26.91 -9.56 13.76
N GLN B 373 26.67 -8.25 13.76
CA GLN B 373 26.18 -7.54 12.58
C GLN B 373 27.32 -7.08 11.70
N PRO B 374 27.09 -7.01 10.37
CA PRO B 374 28.12 -6.45 9.49
C PRO B 374 28.27 -4.94 9.64
N ASP B 375 29.35 -4.43 9.06
CA ASP B 375 29.56 -3.01 8.89
C ASP B 375 28.44 -2.40 8.04
N SER B 376 28.26 -1.10 8.17
CA SER B 376 27.33 -0.35 7.34
C SER B 376 28.10 0.33 6.22
N PHE B 377 27.39 0.65 5.15
CA PHE B 377 27.94 1.55 4.14
C PHE B 377 27.90 2.99 4.64
#